data_7Y8C
#
_entry.id   7Y8C
#
_cell.length_a   53.329
_cell.length_b   119.344
_cell.length_c   84.088
_cell.angle_alpha   90.000
_cell.angle_beta   93.250
_cell.angle_gamma   90.000
#
_symmetry.space_group_name_H-M   'P 1 21 1'
#
loop_
_entity.id
_entity.type
_entity.pdbx_description
1 polymer 'Spore coat protein A'
2 non-polymer 'COPPER (II) ION'
3 non-polymer 'TRIETHYLENE GLYCOL'
4 non-polymer 3,5-dimethoxy-4-oxidanyl-benzaldehyde
5 water water
#
_entity_poly.entity_id   1
_entity_poly.type   'polypeptide(L)'
_entity_poly.pdbx_seq_one_letter_code
;MTLEKFVDALPIPDTLKPVQQSKEKTYYEVTMEECTHQLHRDLPPTRLWGYNGLFPGPTIEVKRNENVYVKWMNNLPSTH
FLPIDHTIHHSDSQHEEPEVKTVVHLHGGVTPDDSDGYPEAWFSKDFEQTGPYFKREVYHYPNQQRGAILWYHDHAMALT
RLNVYAGLVGAYIIHDPKEKRLKLPSDEYDVPLLITDRTINEDGSLFYPSAPENPSPSLPNPSIVPAFCGETILVNGKVW
PYLEVEPRKYRFRVINASNTRTYNLSLDNGGDFIQIGSDGGLLPRSVKLNSFSLAPAERYDIIIDFTAYEGESIILANSA
GCGGDVNPETDANIMQFRVTKPLAQKDESRKPKYLASYPSVQHERIQNIRTLKLAGTQDEYGRPVLLLNNKRWHDPVTET
PKVGTTEIWSIINPTRGTHPIHLHLVSFRVLDRRPFDIARYQESGELSYTGPAVPPPPSEKGWKDTIQAHAGEVLRIAAT
FGPYSGRYVWHCHILEHEDYDMMRPMDITDPHK
;
_entity_poly.pdbx_strand_id   A,B
#
# COMPACT_ATOMS: atom_id res chain seq x y z
N THR A 2 25.48 37.28 -12.67
CA THR A 2 24.08 36.87 -12.47
C THR A 2 23.21 37.22 -13.69
N LEU A 3 22.10 36.50 -13.86
CA LEU A 3 21.26 36.66 -15.04
C LEU A 3 20.61 38.05 -15.07
N GLU A 4 20.58 38.64 -16.27
CA GLU A 4 20.07 40.01 -16.42
C GLU A 4 18.58 40.07 -16.11
N LYS A 5 18.19 40.96 -15.20
CA LYS A 5 16.82 40.99 -14.72
C LYS A 5 15.90 41.62 -15.76
N PHE A 6 14.70 41.06 -15.86
CA PHE A 6 13.58 41.73 -16.52
C PHE A 6 13.74 41.76 -18.04
N VAL A 7 14.24 40.67 -18.63
CA VAL A 7 14.36 40.63 -20.08
C VAL A 7 13.44 39.61 -20.72
N ASP A 8 12.66 38.87 -19.93
CA ASP A 8 11.71 37.88 -20.45
C ASP A 8 10.30 38.28 -20.01
N ALA A 9 9.34 38.22 -20.93
CA ALA A 9 7.97 38.51 -20.53
C ALA A 9 7.42 37.40 -19.63
N LEU A 10 6.59 37.78 -18.69
CA LEU A 10 5.94 36.83 -17.79
C LEU A 10 5.03 35.86 -18.55
N PRO A 11 5.27 34.55 -18.50
CA PRO A 11 4.29 33.63 -19.07
C PRO A 11 3.01 33.61 -18.26
N ILE A 12 1.89 33.48 -18.95
CA ILE A 12 0.59 33.22 -18.35
C ILE A 12 0.21 31.79 -18.69
N PRO A 13 0.24 30.87 -17.74
CA PRO A 13 -0.08 29.46 -18.06
C PRO A 13 -1.46 29.35 -18.69
N ASP A 14 -1.54 28.61 -19.80
CA ASP A 14 -2.83 28.32 -20.42
C ASP A 14 -3.75 27.60 -19.42
N THR A 15 -5.05 27.80 -19.60
CA THR A 15 -6.05 27.10 -18.78
C THR A 15 -6.30 25.72 -19.36
N LEU A 16 -6.22 24.71 -18.50
CA LEU A 16 -6.43 23.34 -18.94
C LEU A 16 -7.82 23.15 -19.51
N LYS A 17 -7.92 22.53 -20.68
CA LYS A 17 -9.23 22.21 -21.22
C LYS A 17 -9.65 20.79 -20.82
N PRO A 18 -10.93 20.59 -20.50
CA PRO A 18 -11.41 19.26 -20.09
C PRO A 18 -11.34 18.24 -21.22
N VAL A 19 -11.12 16.99 -20.84
CA VAL A 19 -11.38 15.87 -21.74
C VAL A 19 -12.87 15.71 -21.97
N GLN A 20 -13.66 15.83 -20.90
CA GLN A 20 -15.11 15.70 -21.03
C GLN A 20 -15.76 16.64 -20.03
N GLN A 21 -16.85 17.30 -20.47
CA GLN A 21 -17.58 18.17 -19.57
C GLN A 21 -19.06 18.12 -19.90
N SER A 22 -19.88 17.79 -18.91
CA SER A 22 -21.33 17.96 -19.01
C SER A 22 -21.78 18.99 -17.98
N LYS A 23 -23.09 19.28 -17.98
CA LYS A 23 -23.62 20.17 -16.96
C LYS A 23 -23.45 19.60 -15.55
N GLU A 24 -23.08 18.33 -15.40
CA GLU A 24 -22.97 17.81 -14.06
C GLU A 24 -21.67 17.05 -13.75
N LYS A 25 -20.75 16.91 -14.70
CA LYS A 25 -19.46 16.33 -14.38
C LYS A 25 -18.40 16.87 -15.34
N THR A 26 -17.18 17.10 -14.82
CA THR A 26 -16.03 17.55 -15.60
C THR A 26 -14.87 16.58 -15.38
N TYR A 27 -14.25 16.13 -16.46
CA TYR A 27 -13.16 15.16 -16.41
C TYR A 27 -11.91 15.76 -17.04
N TYR A 28 -10.80 15.78 -16.28
CA TYR A 28 -9.48 16.22 -16.70
C TYR A 28 -8.49 15.07 -16.69
N GLU A 29 -7.50 15.13 -17.59
CA GLU A 29 -6.33 14.26 -17.56
C GLU A 29 -5.07 15.12 -17.56
N VAL A 30 -4.11 14.76 -16.71
CA VAL A 30 -2.86 15.49 -16.58
C VAL A 30 -1.73 14.48 -16.46
N THR A 31 -0.73 14.61 -17.31
CA THR A 31 0.39 13.67 -17.33
C THR A 31 1.65 14.41 -16.88
N MET A 32 2.38 13.82 -15.96
CA MET A 32 3.69 14.34 -15.58
C MET A 32 4.74 13.88 -16.59
N GLU A 33 5.42 14.83 -17.21
CA GLU A 33 6.37 14.50 -18.27
C GLU A 33 7.70 15.17 -17.99
N GLU A 34 8.79 14.47 -18.31
CA GLU A 34 10.04 15.19 -18.40
C GLU A 34 10.03 16.08 -19.64
N CYS A 35 10.46 17.33 -19.48
CA CYS A 35 10.38 18.29 -20.55
C CYS A 35 11.56 19.23 -20.44
N THR A 36 11.75 20.09 -21.45
CA THR A 36 12.77 21.13 -21.41
C THR A 36 12.13 22.48 -21.67
N HIS A 37 12.49 23.46 -20.85
CA HIS A 37 11.99 24.81 -21.02
C HIS A 37 13.13 25.78 -20.75
N GLN A 38 13.18 26.83 -21.54
CA GLN A 38 14.12 27.91 -21.31
C GLN A 38 13.61 28.79 -20.15
N LEU A 39 14.40 28.92 -19.10
CA LEU A 39 14.00 29.71 -17.95
C LEU A 39 14.43 31.18 -18.05
N HIS A 40 15.26 31.54 -19.04
CA HIS A 40 15.76 32.89 -19.14
C HIS A 40 16.38 33.06 -20.51
N ARG A 41 16.31 34.29 -21.03
CA ARG A 41 16.80 34.57 -22.38
C ARG A 41 18.19 33.98 -22.61
N ASP A 42 19.07 34.08 -21.63
CA ASP A 42 20.48 33.78 -21.80
C ASP A 42 20.87 32.37 -21.36
N LEU A 43 19.89 31.47 -21.18
CA LEU A 43 20.17 30.10 -20.73
C LEU A 43 19.77 29.08 -21.78
N PRO A 44 20.50 27.98 -21.87
CA PRO A 44 20.01 26.81 -22.59
C PRO A 44 18.76 26.27 -21.91
N PRO A 45 17.97 25.46 -22.60
CA PRO A 45 16.75 24.91 -22.00
C PRO A 45 17.06 24.01 -20.81
N THR A 46 16.22 24.12 -19.77
CA THR A 46 16.39 23.40 -18.52
C THR A 46 15.57 22.12 -18.55
N ARG A 47 16.17 20.99 -18.16
CA ARG A 47 15.40 19.77 -17.96
C ARG A 47 14.52 19.91 -16.71
N LEU A 48 13.22 19.71 -16.88
CA LEU A 48 12.25 19.85 -15.80
C LEU A 48 11.27 18.69 -15.83
N TRP A 49 10.58 18.50 -14.70
CA TRP A 49 9.39 17.66 -14.65
C TRP A 49 8.17 18.55 -14.54
N GLY A 50 7.26 18.46 -15.50
CA GLY A 50 6.11 19.35 -15.55
C GLY A 50 4.81 18.61 -15.78
N TYR A 51 3.76 19.10 -15.14
CA TYR A 51 2.41 18.64 -15.45
C TYR A 51 2.04 18.97 -16.89
N ASN A 52 1.67 17.95 -17.67
CA ASN A 52 1.47 18.10 -19.11
C ASN A 52 2.74 18.66 -19.78
N GLY A 53 3.90 18.40 -19.19
CA GLY A 53 5.15 18.88 -19.76
C GLY A 53 5.30 20.40 -19.76
N LEU A 54 4.63 21.08 -18.83
CA LEU A 54 4.68 22.53 -18.72
C LEU A 54 5.17 22.91 -17.32
N PHE A 55 5.86 24.05 -17.23
CA PHE A 55 6.28 24.58 -15.93
C PHE A 55 6.00 26.08 -15.86
N PRO A 56 5.08 26.53 -14.97
CA PRO A 56 4.20 25.73 -14.10
C PRO A 56 3.22 24.90 -14.91
N GLY A 57 2.53 23.96 -14.27
CA GLY A 57 1.50 23.19 -14.93
C GLY A 57 0.40 24.12 -15.42
N PRO A 58 -0.50 23.61 -16.26
CA PRO A 58 -1.64 24.42 -16.71
C PRO A 58 -2.49 24.86 -15.53
N THR A 59 -3.07 26.05 -15.66
CA THR A 59 -3.99 26.55 -14.63
C THR A 59 -5.32 25.82 -14.81
N ILE A 60 -5.84 25.26 -13.73
CA ILE A 60 -7.14 24.60 -13.75
C ILE A 60 -8.16 25.58 -13.20
N GLU A 61 -9.24 25.79 -13.94
CA GLU A 61 -10.29 26.71 -13.50
C GLU A 61 -11.60 25.95 -13.38
N VAL A 62 -12.24 26.10 -12.22
CA VAL A 62 -13.48 25.39 -11.90
C VAL A 62 -14.43 26.35 -11.20
N LYS A 63 -15.69 25.97 -11.16
CA LYS A 63 -16.73 26.73 -10.48
C LYS A 63 -17.01 26.10 -9.11
N ARG A 64 -17.45 26.92 -8.17
CA ARG A 64 -17.90 26.34 -6.91
C ARG A 64 -18.92 25.24 -7.18
N ASN A 65 -18.76 24.11 -6.52
CA ASN A 65 -19.58 22.90 -6.62
C ASN A 65 -19.46 22.17 -7.96
N GLU A 66 -18.57 22.58 -8.86
CA GLU A 66 -18.37 21.78 -10.07
C GLU A 66 -17.87 20.39 -9.69
N ASN A 67 -18.51 19.35 -10.22
CA ASN A 67 -18.14 17.97 -9.92
C ASN A 67 -16.97 17.58 -10.81
N VAL A 68 -15.74 17.61 -10.26
CA VAL A 68 -14.51 17.52 -11.04
C VAL A 68 -13.78 16.22 -10.73
N TYR A 69 -13.29 15.59 -11.79
CA TYR A 69 -12.42 14.42 -11.70
C TYR A 69 -11.13 14.70 -12.48
N VAL A 70 -10.00 14.32 -11.90
CA VAL A 70 -8.70 14.49 -12.55
C VAL A 70 -7.95 13.18 -12.48
N LYS A 71 -7.57 12.66 -13.64
CA LYS A 71 -6.67 11.51 -13.70
C LYS A 71 -5.25 12.04 -13.81
N TRP A 72 -4.50 11.99 -12.69
CA TRP A 72 -3.10 12.39 -12.65
C TRP A 72 -2.23 11.20 -13.03
N MET A 73 -1.39 11.37 -14.03
CA MET A 73 -0.63 10.25 -14.56
C MET A 73 0.86 10.55 -14.51
N ASN A 74 1.65 9.50 -14.28
CA ASN A 74 3.11 9.56 -14.22
C ASN A 74 3.67 9.00 -15.54
N ASN A 75 4.23 9.89 -16.36
CA ASN A 75 4.97 9.54 -17.58
C ASN A 75 6.46 9.88 -17.43
N LEU A 76 6.95 9.89 -16.22
CA LEU A 76 8.28 10.38 -15.91
C LEU A 76 9.32 9.28 -16.08
N PRO A 77 10.61 9.65 -16.16
CA PRO A 77 11.67 8.63 -16.11
C PRO A 77 11.57 7.79 -14.85
N SER A 78 12.26 6.65 -14.89
CA SER A 78 12.28 5.76 -13.74
C SER A 78 13.39 6.10 -12.74
N THR A 79 14.32 6.99 -13.06
CA THR A 79 15.26 7.50 -12.07
C THR A 79 15.13 9.01 -11.98
N HIS A 80 15.44 9.55 -10.80
CA HIS A 80 15.38 10.98 -10.56
C HIS A 80 16.64 11.65 -11.08
N PHE A 81 16.53 12.94 -11.38
CA PHE A 81 17.70 13.73 -11.76
C PHE A 81 18.20 14.62 -10.63
N LEU A 82 17.50 14.68 -9.51
CA LEU A 82 17.95 15.42 -8.33
C LEU A 82 18.42 14.45 -7.24
N PRO A 83 19.15 14.94 -6.24
CA PRO A 83 19.83 14.06 -5.26
C PRO A 83 18.86 13.45 -4.26
N ILE A 84 18.81 12.13 -4.19
CA ILE A 84 17.88 11.43 -3.31
C ILE A 84 18.61 10.94 -2.08
N ASP A 85 18.03 11.20 -0.90
CA ASP A 85 18.62 10.78 0.36
C ASP A 85 17.82 9.59 0.86
N HIS A 86 18.43 8.41 0.83
CA HIS A 86 17.73 7.18 1.16
C HIS A 86 17.66 6.94 2.67
N THR A 87 18.30 7.77 3.47
CA THR A 87 18.36 7.56 4.92
C THR A 87 17.17 8.14 5.67
N ILE A 88 16.32 8.96 5.04
CA ILE A 88 15.24 9.60 5.78
C ILE A 88 13.99 8.73 5.86
N HIS A 89 13.94 7.61 5.13
CA HIS A 89 12.81 6.66 5.23
C HIS A 89 12.61 6.17 6.65
N GLU A 97 11.23 -1.25 -4.82
CA GLU A 97 10.55 0.03 -4.59
C GLU A 97 11.05 1.14 -5.54
N PRO A 98 10.16 1.64 -6.40
CA PRO A 98 10.61 2.52 -7.48
C PRO A 98 11.28 3.78 -6.94
N GLU A 99 12.31 4.24 -7.66
CA GLU A 99 13.01 5.46 -7.23
C GLU A 99 12.12 6.68 -7.37
N VAL A 100 11.31 6.76 -8.42
CA VAL A 100 10.46 7.91 -8.68
C VAL A 100 9.04 7.55 -8.27
N LYS A 101 8.51 8.26 -7.27
CA LYS A 101 7.13 8.11 -6.80
C LYS A 101 6.46 9.47 -6.91
N THR A 102 5.18 9.47 -7.29
CA THR A 102 4.44 10.72 -7.43
C THR A 102 3.03 10.55 -6.88
N VAL A 103 2.49 11.66 -6.39
CA VAL A 103 1.08 11.78 -6.04
C VAL A 103 0.76 13.27 -5.94
N VAL A 104 -0.43 13.65 -6.40
CA VAL A 104 -0.82 15.06 -6.51
C VAL A 104 -1.72 15.44 -5.34
N HIS A 105 -1.31 16.46 -4.59
CA HIS A 105 -2.15 17.05 -3.56
C HIS A 105 -2.74 18.35 -4.09
N LEU A 106 -4.07 18.49 -4.03
CA LEU A 106 -4.69 19.78 -4.35
C LEU A 106 -4.72 20.60 -3.06
N HIS A 107 -3.77 21.53 -2.95
CA HIS A 107 -3.53 22.26 -1.71
C HIS A 107 -4.67 23.24 -1.46
N GLY A 108 -5.36 23.05 -0.34
CA GLY A 108 -6.56 23.81 -0.04
C GLY A 108 -7.84 23.17 -0.52
N GLY A 109 -7.77 22.03 -1.21
CA GLY A 109 -8.97 21.36 -1.66
C GLY A 109 -9.76 20.78 -0.49
N VAL A 110 -11.07 21.03 -0.49
CA VAL A 110 -12.01 20.29 0.36
C VAL A 110 -12.30 18.99 -0.38
N THR A 111 -11.60 17.92 0.01
CA THR A 111 -11.46 16.71 -0.79
C THR A 111 -11.64 15.45 0.03
N PRO A 112 -12.34 14.44 -0.50
CA PRO A 112 -12.40 13.14 0.21
C PRO A 112 -11.00 12.56 0.34
N ASP A 113 -10.82 11.74 1.38
CA ASP A 113 -9.46 11.41 1.79
C ASP A 113 -8.72 10.59 0.74
N ASP A 114 -9.40 9.78 -0.07
CA ASP A 114 -8.66 9.01 -1.06
C ASP A 114 -8.34 9.80 -2.34
N SER A 115 -8.71 11.07 -2.40
CA SER A 115 -8.35 11.96 -3.51
C SER A 115 -7.50 13.14 -3.05
N ASP A 116 -7.01 13.13 -1.81
CA ASP A 116 -6.28 14.23 -1.21
C ASP A 116 -4.78 14.18 -1.50
N GLY A 117 -4.28 13.10 -2.06
CA GLY A 117 -2.85 13.06 -2.32
C GLY A 117 -2.05 12.65 -1.10
N TYR A 118 -2.48 11.58 -0.44
CA TYR A 118 -1.78 11.05 0.72
C TYR A 118 -0.34 10.67 0.35
N PRO A 119 0.64 11.02 1.19
CA PRO A 119 2.04 10.80 0.81
C PRO A 119 2.35 9.36 0.45
N GLU A 120 1.67 8.40 1.09
CA GLU A 120 1.88 6.98 0.83
C GLU A 120 0.90 6.42 -0.18
N ALA A 121 0.13 7.27 -0.86
CA ALA A 121 -0.67 6.86 -2.01
C ALA A 121 0.03 7.15 -3.34
N TRP A 122 1.37 7.11 -3.36
CA TRP A 122 2.13 7.41 -4.56
C TRP A 122 1.98 6.28 -5.60
N PHE A 123 2.45 6.58 -6.80
CA PHE A 123 2.51 5.59 -7.88
C PHE A 123 3.70 5.91 -8.75
N SER A 124 4.24 4.88 -9.41
CA SER A 124 5.35 5.04 -10.32
C SER A 124 4.82 5.26 -11.73
N LYS A 125 5.72 5.25 -12.71
CA LYS A 125 5.37 5.33 -14.13
C LYS A 125 4.23 4.37 -14.47
N ASP A 126 3.16 4.91 -15.03
CA ASP A 126 2.01 4.14 -15.52
C ASP A 126 1.30 3.35 -14.42
N PHE A 127 1.44 3.77 -13.16
CA PHE A 127 0.86 3.08 -12.01
C PHE A 127 1.40 1.65 -11.85
N GLU A 128 2.58 1.39 -12.41
CA GLU A 128 3.16 0.05 -12.33
C GLU A 128 3.26 -0.41 -10.88
N GLN A 129 3.79 0.44 -10.01
CA GLN A 129 3.91 0.14 -8.59
C GLN A 129 3.28 1.29 -7.82
N THR A 130 2.64 0.96 -6.71
CA THR A 130 1.89 1.97 -5.94
C THR A 130 2.15 1.76 -4.46
N GLY A 131 2.00 2.84 -3.70
CA GLY A 131 2.27 2.78 -2.28
C GLY A 131 1.15 2.11 -1.52
N PRO A 132 1.38 1.91 -0.21
CA PRO A 132 0.40 1.17 0.59
C PRO A 132 -0.98 1.79 0.63
N TYR A 133 -1.12 3.10 0.47
CA TYR A 133 -2.42 3.76 0.55
C TYR A 133 -3.03 4.05 -0.81
N PHE A 134 -2.41 3.56 -1.89
CA PHE A 134 -2.95 3.81 -3.22
C PHE A 134 -4.30 3.14 -3.38
N LYS A 135 -5.26 3.86 -3.95
CA LYS A 135 -6.62 3.36 -4.05
C LYS A 135 -7.22 3.61 -5.42
N ARG A 136 -6.99 4.79 -5.98
CA ARG A 136 -7.69 5.14 -7.21
C ARG A 136 -6.79 5.95 -8.14
N GLU A 137 -7.04 5.79 -9.43
CA GLU A 137 -6.33 6.51 -10.48
C GLU A 137 -6.96 7.87 -10.79
N VAL A 138 -8.27 8.00 -10.66
CA VAL A 138 -8.98 9.23 -10.96
C VAL A 138 -9.38 9.91 -9.65
N TYR A 139 -8.86 11.10 -9.43
CA TYR A 139 -9.17 11.81 -8.20
C TYR A 139 -10.48 12.59 -8.34
N HIS A 140 -11.18 12.75 -7.22
CA HIS A 140 -12.49 13.41 -7.17
C HIS A 140 -12.40 14.69 -6.36
N TYR A 141 -12.71 15.83 -7.00
CA TYR A 141 -12.72 17.16 -6.40
C TYR A 141 -14.13 17.73 -6.48
N PRO A 142 -14.95 17.54 -5.46
CA PRO A 142 -16.33 18.08 -5.51
C PRO A 142 -16.40 19.59 -5.41
N ASN A 143 -15.34 20.27 -4.95
CA ASN A 143 -15.25 21.74 -4.97
C ASN A 143 -16.39 22.42 -4.20
N GLN A 144 -16.82 21.81 -3.10
CA GLN A 144 -17.90 22.35 -2.29
C GLN A 144 -17.31 23.26 -1.21
N GLN A 145 -16.91 24.45 -1.64
CA GLN A 145 -16.06 25.30 -0.81
C GLN A 145 -16.03 26.69 -1.43
N ARG A 146 -15.53 27.64 -0.65
CA ARG A 146 -15.52 29.03 -1.09
C ARG A 146 -14.65 29.19 -2.33
N GLY A 147 -14.98 30.18 -3.16
CA GLY A 147 -14.07 30.57 -4.22
C GLY A 147 -12.72 30.98 -3.64
N ALA A 148 -11.64 30.64 -4.35
CA ALA A 148 -10.33 30.85 -3.74
C ALA A 148 -9.24 30.42 -4.72
N ILE A 149 -8.00 30.83 -4.38
CA ILE A 149 -6.78 30.39 -5.09
C ILE A 149 -6.32 29.12 -4.42
N LEU A 150 -6.38 28.01 -5.15
CA LEU A 150 -5.72 26.79 -4.71
C LEU A 150 -4.47 26.61 -5.56
N TRP A 151 -3.69 25.58 -5.25
CA TRP A 151 -2.64 25.16 -6.17
C TRP A 151 -2.41 23.66 -5.97
N TYR A 152 -1.82 23.03 -6.98
CA TYR A 152 -1.59 21.60 -6.92
C TYR A 152 -0.11 21.31 -7.09
N HIS A 153 0.35 20.25 -6.42
CA HIS A 153 1.78 19.96 -6.45
C HIS A 153 2.01 18.53 -5.95
N ASP A 154 3.22 18.05 -6.20
CA ASP A 154 3.52 16.69 -5.79
C ASP A 154 3.62 16.58 -4.27
N HIS A 155 3.30 15.39 -3.75
CA HIS A 155 3.26 15.16 -2.31
C HIS A 155 3.81 13.78 -1.95
N ALA A 156 4.63 13.16 -2.82
CA ALA A 156 5.10 11.80 -2.60
C ALA A 156 6.01 11.69 -1.37
N MET A 157 5.80 10.62 -0.61
CA MET A 157 6.55 10.36 0.62
C MET A 157 8.06 10.47 0.39
N ALA A 158 8.71 11.26 1.25
CA ALA A 158 10.17 11.39 1.29
C ALA A 158 10.76 12.03 0.05
N LEU A 159 9.91 12.46 -0.89
CA LEU A 159 10.37 12.99 -2.17
C LEU A 159 9.78 14.36 -2.51
N THR A 160 8.88 14.89 -1.67
CA THR A 160 8.13 16.10 -2.01
C THR A 160 9.06 17.28 -2.33
N ARG A 161 10.12 17.47 -1.55
CA ARG A 161 11.00 18.61 -1.81
C ARG A 161 11.65 18.51 -3.19
N LEU A 162 11.93 17.30 -3.65
CA LEU A 162 12.59 17.13 -4.95
C LEU A 162 11.61 17.19 -6.10
N ASN A 163 10.42 16.59 -5.93
CA ASN A 163 9.47 16.53 -7.03
C ASN A 163 8.87 17.91 -7.30
N VAL A 164 8.63 18.69 -6.24
CA VAL A 164 8.16 20.07 -6.41
C VAL A 164 9.25 20.94 -7.03
N TYR A 165 10.48 20.86 -6.47
CA TYR A 165 11.61 21.60 -7.04
C TYR A 165 11.81 21.28 -8.51
N ALA A 166 11.58 20.02 -8.90
CA ALA A 166 11.73 19.61 -10.30
C ALA A 166 10.74 20.32 -11.22
N GLY A 167 9.64 20.86 -10.68
CA GLY A 167 8.73 21.64 -11.50
C GLY A 167 7.25 21.27 -11.34
N LEU A 168 6.92 20.33 -10.45
CA LEU A 168 5.56 19.78 -10.38
C LEU A 168 4.69 20.67 -9.49
N VAL A 169 4.27 21.82 -10.04
CA VAL A 169 3.38 22.77 -9.36
C VAL A 169 2.49 23.41 -10.41
N GLY A 170 1.28 23.81 -9.98
CA GLY A 170 0.29 24.42 -10.86
C GLY A 170 -0.77 25.12 -10.05
N ALA A 171 -1.46 26.07 -10.69
CA ALA A 171 -2.50 26.84 -10.04
C ALA A 171 -3.87 26.21 -10.28
N TYR A 172 -4.78 26.40 -9.33
CA TYR A 172 -6.13 25.84 -9.40
C TYR A 172 -7.06 26.87 -8.80
N ILE A 173 -7.94 27.45 -9.62
CA ILE A 173 -8.80 28.55 -9.21
C ILE A 173 -10.24 28.07 -9.13
N ILE A 174 -10.88 28.30 -7.99
CA ILE A 174 -12.31 28.07 -7.83
C ILE A 174 -13.01 29.41 -7.94
N HIS A 175 -13.85 29.55 -8.98
CA HIS A 175 -14.71 30.71 -9.16
C HIS A 175 -16.08 30.45 -8.54
N ASP A 176 -16.52 31.36 -7.67
CA ASP A 176 -17.86 31.32 -7.11
C ASP A 176 -18.71 32.35 -7.85
N PRO A 177 -19.68 31.94 -8.66
CA PRO A 177 -20.42 32.93 -9.45
C PRO A 177 -21.09 34.01 -8.61
N LYS A 178 -21.50 33.71 -7.38
CA LYS A 178 -22.10 34.73 -6.53
C LYS A 178 -21.14 35.87 -6.22
N GLU A 179 -19.84 35.68 -6.45
CA GLU A 179 -18.89 36.76 -6.23
C GLU A 179 -18.79 37.69 -7.42
N LYS A 180 -19.38 37.33 -8.56
CA LYS A 180 -19.20 38.15 -9.75
C LYS A 180 -19.88 39.51 -9.62
N ARG A 181 -20.80 39.66 -8.65
CA ARG A 181 -21.42 40.95 -8.42
C ARG A 181 -20.45 41.97 -7.84
N LEU A 182 -19.34 41.53 -7.26
CA LEU A 182 -18.32 42.46 -6.77
C LEU A 182 -17.54 43.12 -7.89
N LYS A 183 -17.64 42.61 -9.13
CA LYS A 183 -17.00 43.24 -10.29
C LYS A 183 -15.47 43.36 -10.12
N LEU A 184 -14.85 42.45 -9.37
CA LEU A 184 -13.40 42.49 -9.23
C LEU A 184 -12.77 42.26 -10.61
N PRO A 185 -11.53 42.73 -10.82
CA PRO A 185 -10.92 42.54 -12.15
C PRO A 185 -10.93 41.08 -12.56
N SER A 186 -11.19 40.82 -13.84
CA SER A 186 -11.40 39.45 -14.29
C SER A 186 -10.84 39.25 -15.70
N ASP A 187 -10.86 37.99 -16.14
CA ASP A 187 -10.45 37.59 -17.47
C ASP A 187 -8.97 37.86 -17.69
N GLU A 188 -8.61 38.66 -18.69
CA GLU A 188 -7.19 38.88 -18.90
C GLU A 188 -6.58 39.81 -17.86
N TYR A 189 -7.39 40.42 -16.97
CA TYR A 189 -6.89 41.26 -15.89
C TYR A 189 -6.85 40.52 -14.56
N ASP A 190 -6.89 39.20 -14.61
CA ASP A 190 -6.87 38.33 -13.45
C ASP A 190 -5.75 37.33 -13.72
N VAL A 191 -4.61 37.51 -13.04
CA VAL A 191 -3.36 36.85 -13.41
C VAL A 191 -2.76 36.09 -12.24
N PRO A 192 -2.53 34.78 -12.35
CA PRO A 192 -1.77 34.08 -11.30
C PRO A 192 -0.28 34.40 -11.37
N LEU A 193 0.34 34.55 -10.21
CA LEU A 193 1.79 34.74 -10.10
C LEU A 193 2.32 33.64 -9.19
N LEU A 194 2.87 32.56 -9.79
CA LEU A 194 3.48 31.48 -9.02
C LEU A 194 4.97 31.75 -8.87
N ILE A 195 5.42 31.95 -7.63
CA ILE A 195 6.78 32.37 -7.32
C ILE A 195 7.58 31.16 -6.86
N THR A 196 8.72 30.90 -7.52
CA THR A 196 9.58 29.77 -7.19
C THR A 196 11.03 30.23 -7.26
N ASP A 197 11.77 30.08 -6.17
CA ASP A 197 13.21 30.35 -6.24
C ASP A 197 13.93 29.07 -6.64
N ARG A 198 14.99 29.23 -7.44
CA ARG A 198 15.75 28.13 -8.01
C ARG A 198 17.21 28.52 -8.05
N THR A 199 18.07 27.52 -8.06
CA THR A 199 19.47 27.74 -8.39
C THR A 199 19.75 26.97 -9.67
N ILE A 200 20.32 27.68 -10.66
CA ILE A 200 20.46 27.19 -12.02
C ILE A 200 21.92 27.27 -12.41
N ASN A 201 22.45 26.15 -12.89
CA ASN A 201 23.85 26.08 -13.28
C ASN A 201 24.07 26.84 -14.59
N GLU A 202 25.32 27.23 -14.84
CA GLU A 202 25.63 27.92 -16.08
C GLU A 202 25.08 27.19 -17.30
N ASP A 203 25.08 25.86 -17.29
CA ASP A 203 24.58 25.11 -18.45
C ASP A 203 23.05 24.99 -18.47
N GLY A 204 22.34 25.73 -17.61
CA GLY A 204 20.90 25.69 -17.56
C GLY A 204 20.29 24.57 -16.74
N SER A 205 21.08 23.63 -16.23
CA SER A 205 20.48 22.57 -15.41
C SER A 205 20.20 23.06 -14.01
N LEU A 206 19.14 22.50 -13.42
CA LEU A 206 18.78 22.82 -12.04
C LEU A 206 19.85 22.29 -11.08
N PHE A 207 20.16 23.10 -10.07
CA PHE A 207 21.01 22.68 -8.96
C PHE A 207 20.15 22.51 -7.72
N TYR A 208 20.29 21.37 -7.07
CA TYR A 208 19.69 21.17 -5.76
C TYR A 208 20.78 20.52 -4.90
N PRO A 209 21.04 21.02 -3.70
CA PRO A 209 22.22 20.56 -2.94
C PRO A 209 22.13 19.10 -2.54
N SER A 210 23.27 18.42 -2.51
CA SER A 210 23.31 17.03 -2.11
C SER A 210 23.84 16.85 -0.70
N ALA A 211 24.24 17.93 -0.04
CA ALA A 211 24.77 17.93 1.32
C ALA A 211 24.41 19.25 1.97
N PRO A 212 24.31 19.30 3.33
CA PRO A 212 24.09 20.53 4.09
C PRO A 212 25.32 21.45 4.13
N SER A 218 30.52 12.48 8.80
CA SER A 218 30.03 11.13 8.51
C SER A 218 28.62 11.10 7.91
N LEU A 219 28.23 12.20 7.27
CA LEU A 219 26.87 12.33 6.75
C LEU A 219 26.65 11.36 5.59
N PRO A 220 25.45 10.82 5.44
CA PRO A 220 25.14 10.08 4.21
C PRO A 220 25.27 11.01 3.00
N ASN A 221 25.49 10.40 1.84
CA ASN A 221 25.66 11.15 0.62
C ASN A 221 24.83 10.48 -0.47
N PRO A 222 23.82 11.17 -1.01
CA PRO A 222 23.40 12.54 -0.67
C PRO A 222 22.84 12.62 0.74
N SER A 223 22.69 13.84 1.28
CA SER A 223 22.01 14.08 2.54
C SER A 223 20.97 15.19 2.35
N ILE A 224 19.78 14.98 2.91
CA ILE A 224 18.78 16.04 2.99
C ILE A 224 19.40 17.27 3.64
N VAL A 225 18.92 18.46 3.25
CA VAL A 225 19.32 19.70 3.89
C VAL A 225 18.15 20.28 4.68
N PRO A 226 18.40 21.07 5.73
CA PRO A 226 17.28 21.61 6.52
C PRO A 226 16.54 22.74 5.83
N ALA A 227 17.12 23.35 4.79
CA ALA A 227 16.44 24.45 4.11
C ALA A 227 17.12 24.70 2.78
N PHE A 228 16.34 25.16 1.80
CA PHE A 228 16.87 25.49 0.47
C PHE A 228 16.57 26.94 0.13
N CYS A 229 17.62 27.73 -0.10
CA CYS A 229 17.46 29.11 -0.56
C CYS A 229 18.04 29.25 -1.95
N GLY A 230 17.18 29.53 -2.93
CA GLY A 230 17.64 29.57 -4.31
C GLY A 230 18.28 30.91 -4.64
N GLU A 231 19.22 30.89 -5.59
CA GLU A 231 19.94 32.10 -6.01
C GLU A 231 19.10 33.03 -6.88
N THR A 232 18.08 32.51 -7.55
CA THR A 232 17.32 33.27 -8.53
C THR A 232 15.83 33.14 -8.24
N ILE A 233 15.07 34.20 -8.53
CA ILE A 233 13.61 34.17 -8.35
C ILE A 233 12.96 34.03 -9.73
N LEU A 234 12.02 33.09 -9.86
CA LEU A 234 11.19 32.97 -11.03
C LEU A 234 9.74 33.29 -10.67
N VAL A 235 9.00 33.81 -11.64
CA VAL A 235 7.55 33.90 -11.57
C VAL A 235 7.02 33.24 -12.83
N ASN A 236 5.98 32.40 -12.66
CA ASN A 236 5.46 31.56 -13.74
C ASN A 236 6.52 30.96 -14.64
N GLY A 237 7.59 30.44 -14.06
CA GLY A 237 8.55 29.68 -14.84
C GLY A 237 9.58 30.50 -15.60
N LYS A 238 9.71 31.80 -15.33
CA LYS A 238 10.76 32.59 -15.95
C LYS A 238 11.52 33.36 -14.88
N VAL A 239 12.82 33.48 -15.10
CA VAL A 239 13.66 34.22 -14.16
C VAL A 239 13.37 35.72 -14.27
N TRP A 240 13.12 36.36 -13.13
CA TRP A 240 12.98 37.80 -13.00
C TRP A 240 12.28 38.42 -14.22
N PRO A 241 11.01 38.09 -14.45
CA PRO A 241 10.35 38.51 -15.70
C PRO A 241 9.77 39.92 -15.57
N TYR A 242 9.27 40.43 -16.70
CA TYR A 242 8.49 41.66 -16.71
C TYR A 242 7.08 41.36 -17.22
N LEU A 243 6.11 42.15 -16.77
CA LEU A 243 4.75 42.08 -17.27
C LEU A 243 4.33 43.48 -17.72
N GLU A 244 4.04 43.63 -19.00
CA GLU A 244 3.41 44.85 -19.49
C GLU A 244 1.96 44.87 -19.08
N VAL A 245 1.54 45.96 -18.43
CA VAL A 245 0.16 46.09 -17.97
C VAL A 245 -0.44 47.38 -18.52
N GLU A 246 -1.75 47.40 -18.66
CA GLU A 246 -2.45 48.63 -18.92
C GLU A 246 -2.59 49.43 -17.61
N PRO A 247 -2.78 50.75 -17.72
CA PRO A 247 -2.94 51.57 -16.49
C PRO A 247 -4.36 51.50 -15.94
N ARG A 248 -4.62 50.45 -15.18
CA ARG A 248 -5.93 50.16 -14.62
C ARG A 248 -5.77 49.15 -13.48
N LYS A 249 -6.89 48.61 -13.01
CA LYS A 249 -6.84 47.66 -11.92
C LYS A 249 -6.61 46.25 -12.46
N TYR A 250 -5.76 45.50 -11.76
CA TYR A 250 -5.50 44.09 -12.04
C TYR A 250 -5.74 43.27 -10.79
N ARG A 251 -6.17 42.04 -10.98
CA ARG A 251 -6.19 41.03 -9.93
C ARG A 251 -5.02 40.08 -10.11
N PHE A 252 -4.27 39.81 -9.04
CA PHE A 252 -3.17 38.85 -9.06
C PHE A 252 -3.40 37.79 -7.99
N ARG A 253 -3.27 36.52 -8.36
CA ARG A 253 -3.36 35.41 -7.41
C ARG A 253 -1.94 34.96 -7.09
N VAL A 254 -1.40 35.43 -5.97
CA VAL A 254 0.01 35.23 -5.64
C VAL A 254 0.15 33.94 -4.82
N ILE A 255 0.91 33.00 -5.37
CA ILE A 255 1.13 31.68 -4.81
C ILE A 255 2.62 31.55 -4.52
N ASN A 256 2.98 31.24 -3.28
CA ASN A 256 4.36 30.90 -2.97
C ASN A 256 4.53 29.40 -3.18
N ALA A 257 5.11 29.03 -4.32
CA ALA A 257 5.40 27.62 -4.62
C ALA A 257 6.87 27.26 -4.41
N SER A 258 7.60 28.02 -3.59
CA SER A 258 8.99 27.74 -3.26
C SER A 258 9.10 26.70 -2.14
N ASN A 259 10.26 26.02 -2.10
CA ASN A 259 10.50 24.96 -1.12
C ASN A 259 10.57 25.48 0.31
N THR A 260 11.34 26.55 0.52
CA THR A 260 11.65 27.09 1.84
C THR A 260 11.40 28.59 1.93
N ARG A 261 11.72 29.34 0.88
CA ARG A 261 11.86 30.78 0.96
C ARG A 261 10.54 31.47 1.30
N THR A 262 10.61 32.38 2.28
CA THR A 262 9.53 33.33 2.52
C THR A 262 9.83 34.63 1.80
N TYR A 263 8.81 35.25 1.24
CA TYR A 263 8.97 36.55 0.59
C TYR A 263 8.29 37.62 1.45
N ASN A 264 8.82 38.83 1.39
CA ASN A 264 8.12 39.99 1.93
C ASN A 264 8.05 40.99 0.78
N LEU A 265 6.86 41.10 0.21
CA LEU A 265 6.67 41.81 -1.06
C LEU A 265 6.29 43.26 -0.85
N SER A 266 6.73 44.12 -1.77
CA SER A 266 6.37 45.53 -1.84
C SER A 266 6.57 46.01 -3.27
N LEU A 267 6.15 47.25 -3.52
CA LEU A 267 6.32 47.91 -4.82
C LEU A 267 7.33 49.04 -4.70
N ASP A 268 8.30 49.09 -5.61
CA ASP A 268 9.38 50.04 -5.39
C ASP A 268 9.01 51.48 -5.75
N ASN A 269 7.81 51.72 -6.29
CA ASN A 269 7.31 53.08 -6.42
C ASN A 269 6.48 53.52 -5.22
N GLY A 270 6.41 52.70 -4.17
CA GLY A 270 5.69 53.02 -2.95
C GLY A 270 4.20 52.74 -3.02
N GLY A 271 3.70 52.20 -4.11
CA GLY A 271 2.28 51.92 -4.23
C GLY A 271 1.84 50.85 -3.24
N ASP A 272 0.52 50.73 -3.09
CA ASP A 272 -0.06 49.77 -2.17
C ASP A 272 -0.66 48.59 -2.92
N PHE A 273 -0.79 47.49 -2.19
CA PHE A 273 -1.64 46.38 -2.60
C PHE A 273 -2.99 46.53 -1.90
N ILE A 274 -4.05 46.06 -2.57
CA ILE A 274 -5.35 45.84 -1.94
C ILE A 274 -5.50 44.33 -1.80
N GLN A 275 -5.33 43.78 -0.60
CA GLN A 275 -5.63 42.37 -0.39
C GLN A 275 -7.13 42.15 -0.31
N ILE A 276 -7.63 41.24 -1.15
CA ILE A 276 -9.04 40.84 -1.14
C ILE A 276 -9.25 39.40 -0.69
N GLY A 277 -8.19 38.59 -0.64
CA GLY A 277 -8.36 37.18 -0.33
C GLY A 277 -7.13 36.57 0.27
N SER A 278 -7.36 35.49 1.02
CA SER A 278 -6.35 34.65 1.65
C SER A 278 -6.52 33.23 1.13
N ASP A 279 -5.80 32.28 1.74
CA ASP A 279 -5.83 30.88 1.28
C ASP A 279 -7.25 30.38 1.05
N GLY A 280 -8.13 30.63 2.02
CA GLY A 280 -9.47 30.06 2.03
C GLY A 280 -10.54 30.92 1.40
N GLY A 281 -10.18 31.98 0.68
CA GLY A 281 -11.13 32.77 -0.05
C GLY A 281 -11.12 34.26 0.29
N LEU A 282 -12.16 34.98 -0.14
CA LEU A 282 -12.21 36.42 0.10
C LEU A 282 -12.11 36.72 1.58
N LEU A 283 -11.38 37.80 1.89
CA LEU A 283 -11.41 38.36 3.22
C LEU A 283 -12.80 38.96 3.49
N PRO A 284 -13.17 39.09 4.76
CA PRO A 284 -14.43 39.81 5.04
C PRO A 284 -14.40 41.24 4.51
N ARG A 285 -13.27 41.94 4.68
CA ARG A 285 -13.08 43.28 4.15
C ARG A 285 -11.69 43.38 3.52
N SER A 286 -11.57 44.20 2.48
CA SER A 286 -10.27 44.39 1.82
C SER A 286 -9.32 45.15 2.75
N VAL A 287 -8.01 45.05 2.47
CA VAL A 287 -6.96 45.68 3.26
C VAL A 287 -5.96 46.32 2.31
N LYS A 288 -5.73 47.63 2.49
CA LYS A 288 -4.64 48.32 1.81
C LYS A 288 -3.33 47.99 2.53
N LEU A 289 -2.35 47.48 1.79
CA LEU A 289 -1.10 47.05 2.39
C LEU A 289 0.08 47.64 1.64
N ASN A 290 1.07 48.11 2.40
CA ASN A 290 2.32 48.54 1.80
C ASN A 290 3.27 47.36 1.54
N SER A 291 3.07 46.24 2.22
CA SER A 291 3.94 45.08 2.10
C SER A 291 3.22 43.91 2.76
N PHE A 292 3.64 42.70 2.42
CA PHE A 292 3.09 41.54 3.11
C PHE A 292 4.10 40.40 3.05
N SER A 293 4.01 39.52 4.04
CA SER A 293 4.85 38.34 4.15
C SER A 293 4.11 37.16 3.51
N LEU A 294 4.83 36.34 2.75
CA LEU A 294 4.21 35.23 2.03
C LEU A 294 5.13 34.03 2.17
N ALA A 295 4.77 33.10 3.06
CA ALA A 295 5.57 31.91 3.31
C ALA A 295 5.18 30.80 2.35
N PRO A 296 5.99 29.74 2.25
CA PRO A 296 5.65 28.62 1.36
C PRO A 296 4.20 28.16 1.50
N ALA A 297 3.51 28.07 0.37
CA ALA A 297 2.16 27.56 0.18
C ALA A 297 1.08 28.58 0.57
N GLU A 298 1.44 29.74 1.10
CA GLU A 298 0.45 30.79 1.28
C GLU A 298 0.07 31.42 -0.05
N ARG A 299 -1.16 31.92 -0.11
CA ARG A 299 -1.68 32.62 -1.27
C ARG A 299 -2.25 33.96 -0.82
N TYR A 300 -1.97 35.00 -1.60
CA TYR A 300 -2.58 36.31 -1.43
C TYR A 300 -3.33 36.63 -2.71
N ASP A 301 -4.63 36.90 -2.58
CA ASP A 301 -5.47 37.41 -3.66
C ASP A 301 -5.46 38.93 -3.53
N ILE A 302 -4.90 39.63 -4.52
CA ILE A 302 -4.66 41.07 -4.37
C ILE A 302 -5.09 41.84 -5.61
N ILE A 303 -5.28 43.14 -5.43
CA ILE A 303 -5.47 44.08 -6.55
C ILE A 303 -4.31 45.06 -6.52
N ILE A 304 -3.71 45.28 -7.68
CA ILE A 304 -2.80 46.41 -7.86
C ILE A 304 -3.45 47.36 -8.85
N ASP A 305 -3.54 48.61 -8.47
CA ASP A 305 -4.13 49.67 -9.28
C ASP A 305 -3.00 50.42 -9.99
N PHE A 306 -2.83 50.17 -11.28
CA PHE A 306 -1.82 50.87 -12.07
C PHE A 306 -2.35 52.15 -12.71
N THR A 307 -3.58 52.57 -12.40
CA THR A 307 -4.18 53.71 -13.11
C THR A 307 -3.27 54.94 -13.04
N ALA A 308 -2.80 55.27 -11.84
CA ALA A 308 -2.03 56.49 -11.62
C ALA A 308 -0.56 56.37 -11.99
N TYR A 309 -0.15 55.28 -12.64
CA TYR A 309 1.26 54.99 -12.87
C TYR A 309 1.60 54.83 -14.34
N GLU A 310 0.77 55.38 -15.23
CA GLU A 310 1.05 55.30 -16.66
C GLU A 310 2.53 55.52 -16.94
N GLY A 311 3.06 54.72 -17.86
CA GLY A 311 4.45 54.84 -18.28
C GLY A 311 5.51 54.32 -17.33
N GLU A 312 5.17 54.04 -16.07
CA GLU A 312 6.17 53.67 -15.09
C GLU A 312 6.60 52.21 -15.22
N SER A 313 7.85 51.94 -14.87
CA SER A 313 8.35 50.59 -14.58
C SER A 313 8.44 50.42 -13.07
N ILE A 314 7.83 49.35 -12.56
CA ILE A 314 7.67 49.15 -11.13
C ILE A 314 8.18 47.76 -10.79
N ILE A 315 9.11 47.68 -9.85
CA ILE A 315 9.65 46.39 -9.41
C ILE A 315 8.82 45.87 -8.25
N LEU A 316 8.36 44.63 -8.35
CA LEU A 316 7.86 43.91 -7.18
C LEU A 316 9.05 43.44 -6.38
N ALA A 317 9.29 44.09 -5.24
CA ALA A 317 10.53 43.90 -4.48
C ALA A 317 10.34 42.91 -3.33
N ASN A 318 11.44 42.31 -2.90
CA ASN A 318 11.48 41.36 -1.79
C ASN A 318 12.50 41.83 -0.77
N SER A 319 12.11 41.83 0.50
CA SER A 319 13.00 42.24 1.58
C SER A 319 13.34 41.11 2.55
N ALA A 320 12.76 39.91 2.39
CA ALA A 320 12.94 38.83 3.34
C ALA A 320 14.20 38.05 3.02
N GLY A 321 15.04 37.83 4.03
CA GLY A 321 16.23 37.04 3.83
C GLY A 321 15.92 35.55 3.77
N CYS A 322 16.82 34.83 3.12
CA CYS A 322 16.77 33.36 3.11
C CYS A 322 18.20 32.91 3.33
N GLY A 323 18.52 32.50 4.56
CA GLY A 323 19.90 32.19 4.90
C GLY A 323 20.85 33.36 4.78
N GLY A 324 20.38 34.57 5.08
CA GLY A 324 21.15 35.79 4.94
C GLY A 324 20.31 36.94 4.41
N ASP A 325 20.85 38.16 4.41
CA ASP A 325 20.13 39.31 3.91
C ASP A 325 19.90 39.18 2.40
N VAL A 326 18.84 39.85 1.90
CA VAL A 326 18.61 39.82 0.46
C VAL A 326 19.74 40.56 -0.26
N ASN A 327 19.98 40.15 -1.49
CA ASN A 327 20.99 40.76 -2.34
C ASN A 327 20.28 41.73 -3.26
N PRO A 328 20.56 43.03 -3.19
CA PRO A 328 19.83 43.99 -4.05
C PRO A 328 19.85 43.64 -5.53
N GLU A 329 20.86 42.90 -5.99
CA GLU A 329 20.94 42.57 -7.41
C GLU A 329 20.26 41.26 -7.76
N THR A 330 19.86 40.46 -6.76
CA THR A 330 19.26 39.16 -7.06
C THR A 330 17.94 38.97 -6.31
N ASP A 331 17.95 38.28 -5.16
CA ASP A 331 16.68 37.88 -4.57
C ASP A 331 15.93 39.03 -3.90
N ALA A 332 16.45 40.25 -3.95
CA ALA A 332 15.67 41.44 -3.62
C ALA A 332 14.64 41.75 -4.69
N ASN A 333 14.72 41.07 -5.84
CA ASN A 333 13.87 41.33 -6.99
C ASN A 333 12.98 40.13 -7.28
N ILE A 334 11.71 40.39 -7.59
CA ILE A 334 10.77 39.36 -8.03
C ILE A 334 10.45 39.51 -9.51
N MET A 335 9.81 40.62 -9.88
CA MET A 335 9.44 40.87 -11.26
C MET A 335 9.24 42.38 -11.41
N GLN A 336 9.00 42.78 -12.67
CA GLN A 336 8.87 44.19 -13.01
C GLN A 336 7.58 44.40 -13.77
N PHE A 337 6.74 45.33 -13.30
CA PHE A 337 5.57 45.74 -14.07
C PHE A 337 5.94 46.95 -14.93
N ARG A 338 5.50 46.92 -16.19
CA ARG A 338 5.68 48.05 -17.11
C ARG A 338 4.29 48.54 -17.50
N VAL A 339 3.89 49.69 -16.97
CA VAL A 339 2.57 50.25 -17.27
C VAL A 339 2.61 50.94 -18.61
N THR A 340 2.72 50.17 -19.69
CA THR A 340 2.90 50.75 -21.01
C THR A 340 1.99 50.12 -22.05
N LYS A 341 1.14 49.19 -21.64
CA LYS A 341 0.10 48.66 -22.53
C LYS A 341 -1.01 49.69 -22.65
N PRO A 342 -1.46 50.01 -23.86
CA PRO A 342 -2.56 50.99 -24.00
C PRO A 342 -3.89 50.40 -23.55
N LEU A 343 -4.66 51.21 -22.82
CA LEU A 343 -6.00 50.80 -22.39
C LEU A 343 -6.79 50.25 -23.56
N ALA A 344 -7.29 49.01 -23.42
CA ALA A 344 -8.16 48.45 -24.45
C ALA A 344 -9.58 49.00 -24.33
N GLN A 345 -10.13 48.99 -23.12
CA GLN A 345 -11.44 49.56 -22.85
C GLN A 345 -11.38 50.22 -21.48
N LYS A 346 -12.43 50.96 -21.17
CA LYS A 346 -12.55 51.56 -19.85
C LYS A 346 -12.45 50.50 -18.76
N ASP A 347 -11.88 50.89 -17.62
CA ASP A 347 -11.78 50.00 -16.46
C ASP A 347 -13.12 49.96 -15.75
N GLU A 348 -13.91 48.93 -16.02
CA GLU A 348 -15.18 48.72 -15.35
C GLU A 348 -15.07 47.92 -14.06
N SER A 349 -13.87 47.47 -13.68
CA SER A 349 -13.71 46.65 -12.48
C SER A 349 -13.71 47.54 -11.24
N ARG A 350 -14.01 46.93 -10.09
CA ARG A 350 -14.14 47.66 -8.83
C ARG A 350 -13.27 47.03 -7.75
N LYS A 351 -12.96 47.83 -6.74
CA LYS A 351 -12.18 47.38 -5.58
C LYS A 351 -12.99 47.56 -4.30
N PRO A 352 -14.11 46.85 -4.19
CA PRO A 352 -14.98 47.05 -3.02
C PRO A 352 -14.22 46.79 -1.73
N LYS A 353 -14.64 47.49 -0.68
CA LYS A 353 -14.04 47.30 0.64
C LYS A 353 -14.79 46.27 1.48
N TYR A 354 -16.07 46.05 1.20
CA TYR A 354 -16.86 45.01 1.86
C TYR A 354 -16.96 43.82 0.91
N LEU A 355 -16.41 42.68 1.32
CA LEU A 355 -16.27 41.55 0.40
C LEU A 355 -17.15 40.37 0.78
N ALA A 356 -17.19 39.99 2.05
CA ALA A 356 -17.92 38.79 2.43
C ALA A 356 -18.34 38.90 3.89
N SER A 357 -19.30 38.04 4.26
CA SER A 357 -19.79 37.96 5.63
C SER A 357 -19.57 36.55 6.14
N TYR A 358 -18.90 36.42 7.28
CA TYR A 358 -18.50 35.12 7.83
C TYR A 358 -18.97 35.01 9.27
N PRO A 359 -19.95 34.12 9.56
CA PRO A 359 -20.42 33.91 10.94
C PRO A 359 -19.37 33.25 11.83
N ASN A 368 -13.34 20.95 21.85
CA ASN A 368 -12.09 20.41 22.34
C ASN A 368 -10.91 21.37 22.08
N ILE A 369 -9.85 21.23 22.88
CA ILE A 369 -8.63 22.00 22.72
C ILE A 369 -7.47 21.03 22.58
N ARG A 370 -6.52 21.36 21.72
CA ARG A 370 -5.39 20.51 21.44
C ARG A 370 -4.12 21.34 21.52
N THR A 371 -3.07 20.75 22.10
CA THR A 371 -1.78 21.40 22.24
C THR A 371 -0.73 20.65 21.44
N LEU A 372 -0.01 21.37 20.58
CA LEU A 372 0.94 20.79 19.65
C LEU A 372 2.26 21.55 19.73
N LYS A 373 3.35 20.81 19.86
CA LYS A 373 4.68 21.38 20.03
C LYS A 373 5.50 21.18 18.76
N LEU A 374 6.07 22.27 18.23
CA LEU A 374 7.07 22.20 17.18
C LEU A 374 8.45 22.11 17.83
N ALA A 375 9.26 21.15 17.38
CA ALA A 375 10.61 21.09 17.92
C ALA A 375 11.50 20.32 16.97
N GLY A 376 12.80 20.48 17.18
CA GLY A 376 13.80 19.76 16.40
C GLY A 376 14.71 18.96 17.31
N THR A 377 14.97 17.72 16.92
CA THR A 377 15.93 16.84 17.54
C THR A 377 17.07 16.59 16.57
N GLN A 378 17.93 15.63 16.88
CA GLN A 378 19.05 15.28 16.01
C GLN A 378 19.08 13.79 15.76
N ASP A 379 19.41 13.41 14.53
CA ASP A 379 19.49 12.00 14.20
C ASP A 379 20.90 11.47 14.50
N GLU A 380 21.12 10.19 14.19
CA GLU A 380 22.40 9.56 14.48
C GLU A 380 23.55 10.14 13.66
N TYR A 381 23.27 10.96 12.65
CA TYR A 381 24.34 11.54 11.84
C TYR A 381 24.66 12.97 12.25
N GLY A 382 24.05 13.48 13.31
CA GLY A 382 24.22 14.85 13.72
C GLY A 382 23.33 15.85 13.01
N ARG A 383 22.41 15.40 12.11
CA ARG A 383 21.54 16.27 11.36
C ARG A 383 20.28 16.64 12.15
N PRO A 384 19.76 17.84 11.97
CA PRO A 384 18.48 18.19 12.60
C PRO A 384 17.33 17.41 11.95
N VAL A 385 16.43 16.91 12.80
CA VAL A 385 15.15 16.36 12.38
C VAL A 385 14.06 17.20 13.02
N LEU A 386 13.14 17.71 12.20
CA LEU A 386 12.06 18.55 12.70
C LEU A 386 10.81 17.70 12.91
N LEU A 387 10.15 17.88 14.06
CA LEU A 387 9.08 16.98 14.47
C LEU A 387 7.88 17.76 14.98
N LEU A 388 6.70 17.20 14.72
CA LEU A 388 5.47 17.69 15.31
C LEU A 388 5.17 16.87 16.57
N ASN A 389 5.04 17.55 17.70
CA ASN A 389 4.70 16.88 18.95
C ASN A 389 5.72 15.82 19.35
N ASN A 390 6.95 15.89 18.84
CA ASN A 390 8.00 14.91 19.08
C ASN A 390 7.65 13.53 18.52
N LYS A 391 6.69 13.45 17.59
CA LYS A 391 6.31 12.21 16.94
C LYS A 391 6.90 12.12 15.54
N ARG A 392 7.28 10.91 15.14
CA ARG A 392 7.66 10.62 13.76
C ARG A 392 6.42 10.39 12.91
N TRP A 393 6.60 10.55 11.60
CA TRP A 393 5.52 10.28 10.66
C TRP A 393 4.95 8.89 10.87
N HIS A 394 5.81 7.89 11.10
CA HIS A 394 5.33 6.50 11.15
C HIS A 394 4.80 6.09 12.52
N ASP A 395 4.92 6.93 13.56
CA ASP A 395 4.32 6.62 14.86
C ASP A 395 2.80 6.56 14.75
N PRO A 396 2.14 5.76 15.58
CA PRO A 396 0.67 5.72 15.55
C PRO A 396 0.08 7.11 15.63
N VAL A 397 -1.07 7.29 14.95
CA VAL A 397 -1.68 8.60 14.82
C VAL A 397 -2.14 9.11 16.18
N THR A 398 -1.99 10.40 16.41
CA THR A 398 -2.44 11.00 17.66
C THR A 398 -3.42 12.15 17.48
N GLU A 399 -3.42 12.83 16.33
CA GLU A 399 -4.37 13.90 16.04
C GLU A 399 -5.60 13.28 15.39
N THR A 400 -6.65 13.07 16.19
CA THR A 400 -7.82 12.29 15.75
C THR A 400 -9.09 13.01 16.16
N PRO A 401 -9.39 14.15 15.56
CA PRO A 401 -10.65 14.85 15.87
C PRO A 401 -11.82 14.12 15.27
N LYS A 402 -12.99 14.32 15.88
CA LYS A 402 -14.21 13.68 15.42
C LYS A 402 -14.84 14.53 14.32
N VAL A 403 -15.27 13.88 13.25
CA VAL A 403 -15.89 14.62 12.16
C VAL A 403 -17.00 15.49 12.72
N GLY A 404 -17.14 16.70 12.17
CA GLY A 404 -18.15 17.65 12.58
C GLY A 404 -17.79 18.48 13.80
N THR A 405 -16.72 18.14 14.52
CA THR A 405 -16.39 18.89 15.73
C THR A 405 -15.44 20.03 15.42
N THR A 406 -15.50 21.07 16.26
CA THR A 406 -14.60 22.21 16.16
C THR A 406 -13.58 22.13 17.29
N GLU A 407 -12.32 22.40 16.96
CA GLU A 407 -11.26 22.43 17.95
C GLU A 407 -10.49 23.73 17.83
N ILE A 408 -9.84 24.11 18.93
CA ILE A 408 -8.84 25.17 18.96
C ILE A 408 -7.50 24.47 19.12
N TRP A 409 -6.63 24.64 18.13
CA TRP A 409 -5.28 24.11 18.20
C TRP A 409 -4.37 25.22 18.70
N SER A 410 -3.62 24.93 19.76
CA SER A 410 -2.59 25.83 20.25
C SER A 410 -1.25 25.28 19.80
N ILE A 411 -0.56 26.03 18.95
CA ILE A 411 0.67 25.59 18.33
C ILE A 411 1.80 26.35 18.98
N ILE A 412 2.65 25.62 19.69
CA ILE A 412 3.74 26.22 20.45
C ILE A 412 5.01 26.05 19.64
N ASN A 413 5.66 27.17 19.35
CA ASN A 413 6.91 27.15 18.58
C ASN A 413 8.07 27.65 19.43
N PRO A 414 8.84 26.76 20.05
CA PRO A 414 10.09 27.15 20.73
C PRO A 414 11.33 27.12 19.86
N THR A 415 11.20 26.90 18.55
CA THR A 415 12.35 26.82 17.67
C THR A 415 12.80 28.23 17.28
N ARG A 416 13.90 28.31 16.53
CA ARG A 416 14.46 29.59 16.17
C ARG A 416 13.76 30.28 15.01
N GLY A 417 12.96 29.56 14.19
CA GLY A 417 12.40 30.13 13.00
C GLY A 417 10.90 29.94 12.91
N THR A 418 10.34 30.54 11.86
CA THR A 418 8.91 30.42 11.57
C THR A 418 8.65 29.13 10.81
N HIS A 419 7.50 28.52 11.09
CA HIS A 419 7.07 27.33 10.37
C HIS A 419 5.68 27.59 9.80
N PRO A 420 5.49 27.48 8.48
CA PRO A 420 4.17 27.65 7.89
C PRO A 420 3.38 26.35 7.96
N ILE A 421 2.42 26.27 8.89
CA ILE A 421 1.76 25.00 9.20
C ILE A 421 0.54 24.87 8.32
N HIS A 422 0.40 23.70 7.68
CA HIS A 422 -0.70 23.42 6.76
C HIS A 422 -1.51 22.24 7.31
N LEU A 423 -2.82 22.43 7.43
CA LEU A 423 -3.74 21.35 7.75
C LEU A 423 -4.50 20.99 6.48
N HIS A 424 -4.49 19.71 6.11
CA HIS A 424 -5.28 19.29 4.97
C HIS A 424 -6.78 19.37 5.27
N LEU A 425 -7.59 19.29 4.20
CA LEU A 425 -9.05 19.25 4.24
C LEU A 425 -9.70 20.58 4.64
N VAL A 426 -9.31 21.15 5.77
CA VAL A 426 -10.05 22.26 6.37
C VAL A 426 -9.36 23.59 6.09
N SER A 427 -10.13 24.66 6.18
CA SER A 427 -9.57 25.99 6.40
C SER A 427 -9.99 26.46 7.79
N PHE A 428 -9.23 27.38 8.36
CA PHE A 428 -9.42 27.68 9.77
C PHE A 428 -9.31 29.17 10.03
N ARG A 429 -9.76 29.57 11.21
CA ARG A 429 -9.69 30.96 11.63
C ARG A 429 -8.56 31.15 12.62
N VAL A 430 -7.87 32.27 12.52
CA VAL A 430 -6.79 32.59 13.42
C VAL A 430 -7.38 33.29 14.65
N LEU A 431 -7.07 32.79 15.84
CA LEU A 431 -7.56 33.44 17.06
C LEU A 431 -6.56 34.51 17.51
N ASP A 432 -5.34 34.11 17.82
CA ASP A 432 -4.35 35.07 18.28
C ASP A 432 -2.96 34.43 18.25
N ARG A 433 -1.97 35.26 18.57
CA ARG A 433 -0.58 34.87 18.76
C ARG A 433 -0.12 35.50 20.05
N ARG A 434 0.71 34.79 20.82
CA ARG A 434 1.14 35.32 22.10
C ARG A 434 2.55 34.86 22.43
N PRO A 435 3.45 35.79 22.76
CA PRO A 435 4.84 35.42 23.04
C PRO A 435 5.00 34.77 24.41
N PHE A 436 6.05 33.96 24.52
CA PHE A 436 6.37 33.25 25.76
C PHE A 436 7.89 33.16 25.87
N ASP A 437 8.38 33.01 27.11
CA ASP A 437 9.81 32.90 27.35
C ASP A 437 10.28 31.49 26.98
N ILE A 438 11.20 31.41 26.03
CA ILE A 438 11.57 30.14 25.44
C ILE A 438 12.49 29.35 26.36
N ALA A 439 13.44 30.04 27.01
CA ALA A 439 14.34 29.36 27.95
C ALA A 439 13.55 28.66 29.05
N ARG A 440 12.60 29.36 29.68
CA ARG A 440 11.79 28.75 30.73
C ARG A 440 11.04 27.53 30.20
N TYR A 441 10.28 27.72 29.12
CA TYR A 441 9.56 26.60 28.51
C TYR A 441 10.50 25.46 28.16
N GLN A 442 11.72 25.79 27.72
CA GLN A 442 12.66 24.77 27.28
C GLN A 442 12.86 23.69 28.35
N GLU A 443 13.03 24.10 29.60
CA GLU A 443 13.39 23.13 30.64
C GLU A 443 12.16 22.64 31.40
N SER A 444 11.62 23.47 32.29
CA SER A 444 10.45 23.06 33.06
C SER A 444 9.23 22.76 32.19
N GLY A 445 9.28 23.07 30.89
CA GLY A 445 8.11 22.93 30.06
C GLY A 445 6.97 23.86 30.44
N GLU A 446 7.30 25.04 30.95
CA GLU A 446 6.32 25.99 31.46
C GLU A 446 5.99 27.03 30.40
N LEU A 447 4.70 27.31 30.23
CA LEU A 447 4.25 28.32 29.26
C LEU A 447 4.06 29.63 30.01
N SER A 448 5.13 30.42 30.10
CA SER A 448 5.11 31.71 30.78
C SER A 448 5.06 32.81 29.71
N TYR A 449 3.91 33.45 29.57
CA TYR A 449 3.68 34.44 28.52
C TYR A 449 4.35 35.78 28.86
N THR A 450 5.02 36.37 27.86
CA THR A 450 5.75 37.61 28.02
C THR A 450 4.99 38.81 27.46
N GLY A 451 3.69 38.67 27.22
CA GLY A 451 2.88 39.76 26.73
C GLY A 451 1.46 39.29 26.44
N PRO A 452 0.57 40.24 26.14
CA PRO A 452 -0.82 39.87 25.83
C PRO A 452 -0.95 39.21 24.47
N ALA A 453 -2.00 38.41 24.34
CA ALA A 453 -2.32 37.84 23.04
C ALA A 453 -2.57 38.96 22.05
N VAL A 454 -2.26 38.70 20.78
CA VAL A 454 -2.42 39.65 19.71
C VAL A 454 -3.41 39.07 18.70
N PRO A 455 -4.52 39.73 18.42
CA PRO A 455 -5.50 39.18 17.47
C PRO A 455 -4.99 39.29 16.05
N PRO A 456 -5.51 38.49 15.13
CA PRO A 456 -5.01 38.49 13.74
C PRO A 456 -5.21 39.83 13.07
N PRO A 457 -4.25 40.25 12.25
CA PRO A 457 -4.44 41.46 11.44
C PRO A 457 -5.53 41.24 10.41
N PRO A 458 -6.02 42.30 9.76
CA PRO A 458 -7.08 42.12 8.75
C PRO A 458 -6.77 41.05 7.70
N SER A 459 -5.49 40.82 7.39
CA SER A 459 -5.12 39.79 6.42
C SER A 459 -5.53 38.39 6.89
N GLU A 460 -5.56 38.17 8.20
CA GLU A 460 -5.84 36.86 8.76
C GLU A 460 -7.16 36.82 9.53
N LYS A 461 -8.06 37.74 9.24
CA LYS A 461 -9.40 37.68 9.81
C LYS A 461 -10.34 36.83 8.97
N GLY A 462 -9.86 36.30 7.84
CA GLY A 462 -10.67 35.44 7.01
C GLY A 462 -10.34 33.98 7.25
N TRP A 463 -10.16 33.22 6.17
CA TRP A 463 -9.91 31.78 6.27
C TRP A 463 -8.51 31.48 5.76
N LYS A 464 -7.76 30.69 6.54
CA LYS A 464 -6.42 30.25 6.17
C LYS A 464 -6.35 28.73 6.16
N ASP A 465 -5.41 28.20 5.40
CA ASP A 465 -5.07 26.79 5.52
C ASP A 465 -3.58 26.54 5.68
N THR A 466 -2.74 27.57 5.51
CA THR A 466 -1.32 27.50 5.78
C THR A 466 -0.95 28.76 6.57
N ILE A 467 -0.34 28.59 7.74
CA ILE A 467 -0.31 29.70 8.70
C ILE A 467 1.09 29.78 9.30
N GLN A 468 1.66 30.99 9.31
CA GLN A 468 2.99 31.16 9.90
C GLN A 468 2.89 31.11 11.42
N ALA A 469 3.56 30.12 12.01
CA ALA A 469 3.75 30.04 13.45
C ALA A 469 5.16 30.56 13.74
N HIS A 470 5.24 31.76 14.28
CA HIS A 470 6.51 32.45 14.47
C HIS A 470 7.25 31.90 15.69
N ALA A 471 8.55 32.16 15.73
CA ALA A 471 9.37 31.69 16.84
C ALA A 471 8.92 32.36 18.15
N GLY A 472 9.04 31.60 19.25
CA GLY A 472 8.73 32.12 20.57
C GLY A 472 7.29 32.55 20.78
N GLU A 473 6.35 32.02 20.00
CA GLU A 473 4.96 32.39 20.11
C GLU A 473 4.08 31.14 20.17
N VAL A 474 2.95 31.27 20.86
CA VAL A 474 1.85 30.30 20.77
C VAL A 474 0.84 30.86 19.80
N LEU A 475 0.55 30.09 18.75
CA LEU A 475 -0.48 30.43 17.78
C LEU A 475 -1.71 29.56 18.04
N ARG A 476 -2.87 30.19 18.11
CA ARG A 476 -4.14 29.50 18.32
C ARG A 476 -5.01 29.65 17.07
N ILE A 477 -5.51 28.52 16.57
CA ILE A 477 -6.41 28.51 15.43
C ILE A 477 -7.61 27.65 15.78
N ALA A 478 -8.73 27.95 15.12
CA ALA A 478 -9.98 27.22 15.31
C ALA A 478 -10.40 26.60 13.99
N ALA A 479 -10.55 25.27 14.00
CA ALA A 479 -10.93 24.51 12.82
C ALA A 479 -12.12 23.62 13.12
N THR A 480 -13.02 23.52 12.15
CA THR A 480 -14.06 22.52 12.14
C THR A 480 -13.67 21.39 11.17
N PHE A 481 -13.67 20.15 11.68
CA PHE A 481 -13.10 19.02 10.94
C PHE A 481 -14.20 18.32 10.18
N GLY A 482 -14.36 18.73 8.93
CA GLY A 482 -15.32 18.16 8.02
C GLY A 482 -15.23 18.93 6.73
N PRO A 483 -16.14 18.65 5.79
CA PRO A 483 -17.31 17.76 5.92
C PRO A 483 -16.99 16.28 5.86
N TYR A 484 -15.80 15.88 5.38
CA TYR A 484 -15.49 14.47 5.20
C TYR A 484 -14.69 13.95 6.39
N SER A 485 -14.73 12.64 6.55
CA SER A 485 -13.90 11.96 7.53
C SER A 485 -12.88 11.12 6.79
N GLY A 486 -11.87 10.66 7.51
CA GLY A 486 -10.91 9.78 6.90
C GLY A 486 -9.50 10.14 7.33
N ARG A 487 -8.53 9.63 6.59
CA ARG A 487 -7.13 9.79 6.92
C ARG A 487 -6.54 10.94 6.10
N TYR A 488 -6.04 11.96 6.78
CA TYR A 488 -5.46 13.13 6.16
C TYR A 488 -4.07 13.33 6.77
N VAL A 489 -3.51 14.53 6.60
CA VAL A 489 -2.20 14.85 7.16
C VAL A 489 -2.19 16.32 7.60
N TRP A 490 -1.24 16.66 8.47
CA TRP A 490 -0.89 18.05 8.73
C TRP A 490 0.64 18.13 8.85
N HIS A 491 1.19 19.31 8.53
CA HIS A 491 2.64 19.35 8.38
C HIS A 491 3.14 20.79 8.18
N CYS A 492 4.43 20.99 8.42
CA CYS A 492 5.07 22.22 7.99
C CYS A 492 5.23 22.19 6.46
N HIS A 493 5.06 23.35 5.81
CA HIS A 493 5.15 23.38 4.35
C HIS A 493 6.48 23.91 3.83
N ILE A 494 7.48 24.05 4.69
CA ILE A 494 8.87 24.07 4.25
C ILE A 494 9.23 22.65 3.87
N LEU A 495 9.37 22.39 2.56
CA LEU A 495 9.40 21.01 2.12
C LEU A 495 10.59 20.27 2.70
N GLU A 496 11.70 20.97 2.94
CA GLU A 496 12.86 20.34 3.56
C GLU A 496 12.58 19.93 5.00
N HIS A 497 11.60 20.56 5.65
CA HIS A 497 11.15 20.16 6.98
C HIS A 497 10.14 19.03 6.89
N GLU A 498 9.15 19.20 6.01
CA GLU A 498 8.11 18.21 5.78
C GLU A 498 8.69 16.82 5.55
N ASP A 499 9.71 16.73 4.69
CA ASP A 499 10.32 15.43 4.38
C ASP A 499 11.15 14.85 5.51
N TYR A 500 11.49 15.64 6.54
CA TYR A 500 12.35 15.09 7.60
C TYR A 500 12.28 15.87 8.91
N ASP A 501 11.24 15.66 9.71
CA ASP A 501 10.17 14.67 9.51
C ASP A 501 8.88 15.30 10.00
N MET A 502 8.62 16.54 9.55
CA MET A 502 7.66 17.43 10.19
C MET A 502 6.27 17.31 9.55
N MET A 503 5.71 16.11 9.65
CA MET A 503 4.43 15.79 9.03
C MET A 503 3.80 14.66 9.84
N ARG A 504 2.49 14.71 10.00
CA ARG A 504 1.84 13.68 10.79
C ARG A 504 0.48 13.33 10.20
N PRO A 505 0.07 12.07 10.30
CA PRO A 505 -1.28 11.70 9.88
C PRO A 505 -2.29 12.37 10.77
N MET A 506 -3.48 12.56 10.21
CA MET A 506 -4.59 13.19 10.90
C MET A 506 -5.84 12.38 10.57
N ASP A 507 -6.42 11.71 11.55
CA ASP A 507 -7.64 10.93 11.36
C ASP A 507 -8.84 11.75 11.80
N ILE A 508 -9.71 12.10 10.87
CA ILE A 508 -11.00 12.70 11.19
C ILE A 508 -11.98 11.53 11.33
N THR A 509 -12.34 11.21 12.57
CA THR A 509 -13.04 9.96 12.83
C THR A 509 -14.55 10.11 12.64
N ASP A 510 -15.20 8.98 12.35
CA ASP A 510 -16.64 8.94 12.11
C ASP A 510 -17.18 7.75 12.89
N PRO A 511 -18.17 7.94 13.76
CA PRO A 511 -18.70 6.86 14.62
C PRO A 511 -19.35 5.70 13.85
N THR B 2 -10.74 -31.40 -24.84
CA THR B 2 -10.21 -30.77 -23.65
C THR B 2 -9.61 -29.40 -23.98
N LEU B 3 -9.46 -28.55 -22.96
CA LEU B 3 -9.00 -27.17 -23.17
C LEU B 3 -7.55 -27.16 -23.66
N GLU B 4 -7.25 -26.22 -24.55
CA GLU B 4 -5.93 -26.15 -25.18
C GLU B 4 -4.93 -25.57 -24.19
N LYS B 5 -3.83 -26.29 -24.00
CA LYS B 5 -2.83 -25.94 -22.98
C LYS B 5 -1.98 -24.75 -23.42
N PHE B 6 -1.61 -23.92 -22.44
CA PHE B 6 -0.55 -22.93 -22.61
C PHE B 6 -0.95 -21.82 -23.58
N VAL B 7 -2.21 -21.37 -23.53
CA VAL B 7 -2.66 -20.21 -24.28
C VAL B 7 -2.90 -18.99 -23.41
N ASP B 8 -2.80 -19.13 -22.09
CA ASP B 8 -3.04 -18.03 -21.15
C ASP B 8 -1.78 -17.75 -20.35
N ALA B 9 -1.47 -16.46 -20.19
CA ALA B 9 -0.30 -16.09 -19.40
C ALA B 9 -0.57 -16.30 -17.91
N LEU B 10 0.43 -16.80 -17.20
CA LEU B 10 0.27 -17.02 -15.78
C LEU B 10 -0.03 -15.70 -15.07
N PRO B 11 -1.20 -15.53 -14.44
CA PRO B 11 -1.43 -14.32 -13.65
C PRO B 11 -0.60 -14.36 -12.39
N ILE B 12 -0.27 -13.17 -11.90
CA ILE B 12 0.48 -13.02 -10.66
C ILE B 12 -0.40 -12.20 -9.71
N PRO B 13 -0.95 -12.80 -8.67
CA PRO B 13 -1.91 -12.08 -7.82
C PRO B 13 -1.28 -10.82 -7.28
N ASP B 14 -2.07 -9.74 -7.23
CA ASP B 14 -1.63 -8.49 -6.64
C ASP B 14 -1.43 -8.64 -5.15
N THR B 15 -0.40 -7.95 -4.63
CA THR B 15 -0.19 -7.88 -3.20
C THR B 15 -1.26 -7.03 -2.54
N LEU B 16 -1.80 -7.54 -1.43
CA LEU B 16 -2.85 -6.84 -0.70
C LEU B 16 -2.32 -5.54 -0.12
N LYS B 17 -3.15 -4.48 -0.21
CA LYS B 17 -2.75 -3.21 0.40
C LYS B 17 -3.45 -3.01 1.73
N PRO B 18 -2.75 -2.51 2.74
CA PRO B 18 -3.38 -2.32 4.05
C PRO B 18 -4.41 -1.21 4.02
N VAL B 19 -5.28 -1.25 5.01
CA VAL B 19 -6.21 -0.15 5.27
C VAL B 19 -5.51 0.95 6.03
N GLN B 20 -4.61 0.58 6.93
CA GLN B 20 -3.92 1.50 7.81
C GLN B 20 -2.61 0.84 8.21
N GLN B 21 -1.54 1.63 8.27
CA GLN B 21 -0.24 1.08 8.61
C GLN B 21 0.60 2.15 9.30
N SER B 22 1.28 1.72 10.36
CA SER B 22 2.22 2.53 11.12
C SER B 22 3.37 1.60 11.48
N LYS B 23 4.41 2.14 12.10
CA LYS B 23 5.54 1.28 12.44
C LYS B 23 5.15 0.21 13.46
N GLU B 24 4.06 0.41 14.18
CA GLU B 24 3.65 -0.46 15.27
C GLU B 24 2.50 -1.42 14.90
N LYS B 25 1.85 -1.23 13.77
CA LYS B 25 0.66 -2.04 13.48
C LYS B 25 0.29 -1.89 12.02
N THR B 26 -0.02 -3.00 11.37
CA THR B 26 -0.55 -3.01 10.01
C THR B 26 -1.93 -3.66 10.06
N TYR B 27 -2.91 -3.02 9.42
CA TYR B 27 -4.30 -3.46 9.51
C TYR B 27 -4.85 -3.70 8.11
N TYR B 28 -5.37 -4.91 7.88
CA TYR B 28 -6.00 -5.29 6.61
C TYR B 28 -7.46 -5.64 6.80
N GLU B 29 -8.23 -5.47 5.73
CA GLU B 29 -9.62 -5.93 5.64
C GLU B 29 -9.75 -6.73 4.36
N VAL B 30 -10.39 -7.89 4.46
CA VAL B 30 -10.51 -8.81 3.34
C VAL B 30 -11.95 -9.33 3.35
N THR B 31 -12.66 -9.18 2.24
CA THR B 31 -14.06 -9.57 2.16
C THR B 31 -14.22 -10.72 1.17
N MET B 32 -14.85 -11.80 1.63
CA MET B 32 -15.16 -12.92 0.76
C MET B 32 -16.41 -12.59 -0.06
N GLU B 33 -16.29 -12.73 -1.39
CA GLU B 33 -17.36 -12.30 -2.29
C GLU B 33 -17.53 -13.29 -3.43
N GLU B 34 -18.76 -13.36 -3.93
CA GLU B 34 -19.03 -14.04 -5.20
C GLU B 34 -18.57 -13.16 -6.36
N CYS B 35 -17.93 -13.78 -7.34
CA CYS B 35 -17.42 -13.02 -8.47
C CYS B 35 -17.22 -13.99 -9.62
N THR B 36 -17.15 -13.45 -10.83
CA THR B 36 -16.91 -14.28 -12.01
C THR B 36 -15.52 -14.01 -12.58
N HIS B 37 -14.85 -15.07 -13.01
CA HIS B 37 -13.51 -14.97 -13.58
C HIS B 37 -13.41 -15.90 -14.78
N GLN B 38 -12.62 -15.50 -15.75
CA GLN B 38 -12.29 -16.37 -16.87
C GLN B 38 -11.09 -17.22 -16.50
N LEU B 39 -11.29 -18.53 -16.50
CA LEU B 39 -10.24 -19.46 -16.15
C LEU B 39 -9.45 -19.96 -17.35
N HIS B 40 -10.02 -19.84 -18.56
CA HIS B 40 -9.34 -20.23 -19.79
C HIS B 40 -9.87 -19.37 -20.93
N ARG B 41 -8.99 -19.08 -21.89
CA ARG B 41 -9.36 -18.29 -23.06
C ARG B 41 -10.69 -18.74 -23.64
N ASP B 42 -10.81 -20.04 -23.90
CA ASP B 42 -11.96 -20.61 -24.59
C ASP B 42 -13.10 -20.97 -23.65
N LEU B 43 -13.16 -20.35 -22.47
CA LEU B 43 -14.19 -20.69 -21.50
C LEU B 43 -15.11 -19.51 -21.22
N PRO B 44 -16.40 -19.74 -21.03
CA PRO B 44 -17.26 -18.68 -20.45
C PRO B 44 -16.79 -18.37 -19.03
N PRO B 45 -17.10 -17.18 -18.51
CA PRO B 45 -16.69 -16.85 -17.14
C PRO B 45 -17.28 -17.84 -16.14
N THR B 46 -16.57 -17.99 -15.02
CA THR B 46 -16.90 -18.96 -13.97
C THR B 46 -17.26 -18.23 -12.69
N ARG B 47 -18.39 -18.59 -12.08
CA ARG B 47 -18.79 -18.02 -10.81
C ARG B 47 -17.98 -18.68 -9.70
N LEU B 48 -17.27 -17.86 -8.92
CA LEU B 48 -16.35 -18.31 -7.87
C LEU B 48 -16.64 -17.55 -6.58
N TRP B 49 -16.07 -18.04 -5.50
CA TRP B 49 -15.99 -17.30 -4.23
C TRP B 49 -14.54 -16.91 -4.03
N GLY B 50 -14.27 -15.63 -3.79
CA GLY B 50 -12.90 -15.16 -3.70
C GLY B 50 -12.69 -14.16 -2.58
N TYR B 51 -11.48 -14.21 -1.99
CA TYR B 51 -11.05 -13.18 -1.06
C TYR B 51 -10.87 -11.87 -1.85
N ASN B 52 -11.64 -10.86 -1.47
CA ASN B 52 -11.76 -9.60 -2.21
C ASN B 52 -12.21 -9.84 -3.65
N GLY B 53 -13.01 -10.89 -3.86
CA GLY B 53 -13.47 -11.24 -5.18
C GLY B 53 -12.39 -11.72 -6.13
N LEU B 54 -11.24 -12.16 -5.63
CA LEU B 54 -10.15 -12.61 -6.49
C LEU B 54 -9.93 -14.11 -6.30
N PHE B 55 -9.52 -14.78 -7.36
CA PHE B 55 -9.09 -16.18 -7.29
C PHE B 55 -7.78 -16.36 -8.03
N PRO B 56 -6.67 -16.67 -7.33
CA PRO B 56 -6.54 -16.78 -5.88
C PRO B 56 -6.72 -15.42 -5.23
N GLY B 57 -6.91 -15.38 -3.91
CA GLY B 57 -7.00 -14.13 -3.19
C GLY B 57 -5.70 -13.35 -3.32
N PRO B 58 -5.72 -12.09 -2.91
CA PRO B 58 -4.50 -11.27 -3.02
C PRO B 58 -3.38 -11.84 -2.16
N THR B 59 -2.17 -11.79 -2.68
CA THR B 59 -1.01 -12.22 -1.91
C THR B 59 -0.77 -11.20 -0.81
N ILE B 60 -0.60 -11.70 0.42
CA ILE B 60 -0.32 -10.86 1.58
C ILE B 60 1.16 -11.01 1.92
N GLU B 61 1.87 -9.89 2.02
CA GLU B 61 3.30 -9.89 2.28
C GLU B 61 3.57 -9.12 3.57
N VAL B 62 4.32 -9.74 4.48
CA VAL B 62 4.61 -9.17 5.78
C VAL B 62 6.08 -9.42 6.07
N LYS B 63 6.61 -8.66 7.02
CA LYS B 63 7.95 -8.87 7.53
C LYS B 63 7.89 -9.70 8.79
N ARG B 64 8.96 -10.43 9.06
CA ARG B 64 9.11 -11.08 10.34
C ARG B 64 8.86 -10.08 11.46
N ASN B 65 8.07 -10.49 12.47
CA ASN B 65 7.71 -9.68 13.63
C ASN B 65 6.75 -8.54 13.33
N GLU B 66 6.32 -8.36 12.09
CA GLU B 66 5.34 -7.31 11.79
C GLU B 66 4.04 -7.60 12.52
N ASN B 67 3.53 -6.59 13.23
CA ASN B 67 2.33 -6.74 14.04
C ASN B 67 1.11 -6.52 13.15
N VAL B 68 0.53 -7.62 12.65
CA VAL B 68 -0.47 -7.57 11.59
C VAL B 68 -1.85 -7.96 12.14
N TYR B 69 -2.87 -7.23 11.72
CA TYR B 69 -4.26 -7.56 12.04
C TYR B 69 -5.02 -7.71 10.72
N VAL B 70 -5.88 -8.71 10.63
CA VAL B 70 -6.71 -8.89 9.43
C VAL B 70 -8.15 -9.09 9.88
N LYS B 71 -9.05 -8.24 9.38
CA LYS B 71 -10.48 -8.45 9.58
C LYS B 71 -11.00 -9.23 8.37
N TRP B 72 -11.22 -10.53 8.57
CA TRP B 72 -11.77 -11.37 7.51
C TRP B 72 -13.29 -11.29 7.55
N MET B 73 -13.91 -10.89 6.44
CA MET B 73 -15.35 -10.67 6.42
C MET B 73 -16.03 -11.58 5.40
N ASN B 74 -17.24 -12.03 5.75
CA ASN B 74 -18.08 -12.88 4.90
C ASN B 74 -19.12 -11.99 4.23
N ASN B 75 -19.03 -11.84 2.91
CA ASN B 75 -20.09 -11.18 2.14
C ASN B 75 -20.58 -12.09 1.04
N LEU B 76 -20.76 -13.37 1.36
CA LEU B 76 -21.18 -14.38 0.41
C LEU B 76 -22.68 -14.58 0.48
N PRO B 77 -23.28 -15.14 -0.57
CA PRO B 77 -24.69 -15.50 -0.51
C PRO B 77 -24.96 -16.44 0.66
N SER B 78 -26.22 -16.53 1.05
CA SER B 78 -26.62 -17.38 2.18
C SER B 78 -26.76 -18.85 1.80
N THR B 79 -26.57 -19.20 0.53
CA THR B 79 -26.72 -20.57 0.07
C THR B 79 -25.48 -20.97 -0.69
N HIS B 80 -24.97 -22.17 -0.41
CA HIS B 80 -23.83 -22.68 -1.16
C HIS B 80 -24.26 -23.09 -2.56
N PHE B 81 -23.36 -22.93 -3.52
CA PHE B 81 -23.59 -23.38 -4.88
C PHE B 81 -22.98 -24.74 -5.16
N LEU B 82 -22.27 -25.33 -4.17
CA LEU B 82 -21.70 -26.66 -4.26
C LEU B 82 -22.46 -27.63 -3.35
N PRO B 83 -22.53 -28.91 -3.71
CA PRO B 83 -23.46 -29.83 -3.02
C PRO B 83 -23.06 -30.09 -1.57
N ILE B 84 -23.95 -29.73 -0.65
CA ILE B 84 -23.75 -29.92 0.79
C ILE B 84 -24.32 -31.27 1.18
N ASP B 85 -23.55 -32.06 1.93
CA ASP B 85 -24.01 -33.33 2.49
C ASP B 85 -24.32 -33.09 3.96
N HIS B 86 -25.58 -33.27 4.35
CA HIS B 86 -26.00 -32.99 5.72
C HIS B 86 -25.84 -34.18 6.66
N THR B 87 -25.31 -35.31 6.19
CA THR B 87 -25.20 -36.49 7.04
C THR B 87 -23.82 -36.64 7.68
N ILE B 88 -22.89 -35.73 7.43
CA ILE B 88 -21.55 -35.89 7.99
C ILE B 88 -21.36 -35.20 9.34
N HIS B 89 -22.26 -34.30 9.73
CA HIS B 89 -22.03 -33.52 10.95
C HIS B 89 -23.24 -33.47 11.87
N GLU B 97 -28.64 -23.66 12.12
CA GLU B 97 -27.43 -22.91 11.78
C GLU B 97 -27.45 -22.52 10.30
N PRO B 98 -26.71 -21.48 9.95
CA PRO B 98 -26.69 -21.05 8.54
C PRO B 98 -26.00 -22.10 7.67
N GLU B 99 -26.41 -22.14 6.40
CA GLU B 99 -25.82 -23.12 5.49
C GLU B 99 -24.39 -22.76 5.13
N VAL B 100 -24.12 -21.48 4.91
CA VAL B 100 -22.80 -20.98 4.56
C VAL B 100 -22.12 -20.50 5.84
N LYS B 101 -21.00 -21.13 6.19
CA LYS B 101 -20.16 -20.74 7.32
C LYS B 101 -18.73 -20.60 6.83
N THR B 102 -18.01 -19.60 7.34
CA THR B 102 -16.65 -19.34 6.88
C THR B 102 -15.75 -19.01 8.07
N VAL B 103 -14.48 -19.38 7.96
CA VAL B 103 -13.44 -18.97 8.90
C VAL B 103 -12.09 -19.16 8.21
N VAL B 104 -11.18 -18.22 8.44
CA VAL B 104 -9.91 -18.17 7.72
C VAL B 104 -8.78 -18.69 8.62
N HIS B 105 -8.06 -19.70 8.12
CA HIS B 105 -6.87 -20.24 8.77
C HIS B 105 -5.63 -19.75 8.03
N LEU B 106 -4.73 -19.08 8.74
CA LEU B 106 -3.39 -18.78 8.22
C LEU B 106 -2.53 -20.02 8.41
N HIS B 107 -2.39 -20.79 7.35
CA HIS B 107 -1.75 -22.11 7.41
C HIS B 107 -0.25 -21.96 7.59
N GLY B 108 0.27 -22.44 8.72
CA GLY B 108 1.64 -22.24 9.12
C GLY B 108 1.88 -21.04 10.02
N GLY B 109 0.86 -20.22 10.25
CA GLY B 109 0.99 -19.10 11.16
C GLY B 109 1.28 -19.50 12.60
N VAL B 110 2.26 -18.82 13.21
CA VAL B 110 2.48 -18.92 14.65
C VAL B 110 1.53 -17.90 15.25
N THR B 111 0.34 -18.37 15.66
CA THR B 111 -0.82 -17.53 15.88
C THR B 111 -1.52 -17.88 17.19
N PRO B 112 -1.95 -16.87 17.94
CA PRO B 112 -2.77 -17.14 19.14
C PRO B 112 -4.04 -17.92 18.78
N ASP B 113 -4.50 -18.75 19.72
CA ASP B 113 -5.52 -19.72 19.38
C ASP B 113 -6.80 -19.06 18.86
N ASP B 114 -7.16 -17.88 19.37
CA ASP B 114 -8.40 -17.23 18.90
C ASP B 114 -8.25 -16.53 17.57
N SER B 115 -7.04 -16.47 16.99
CA SER B 115 -6.88 -15.97 15.62
C SER B 115 -6.48 -17.07 14.64
N ASP B 116 -6.52 -18.35 15.05
CA ASP B 116 -6.00 -19.43 14.24
C ASP B 116 -7.02 -19.95 13.23
N GLY B 117 -8.27 -19.53 13.31
CA GLY B 117 -9.28 -20.04 12.38
C GLY B 117 -9.84 -21.38 12.79
N TYR B 118 -10.17 -21.54 14.06
CA TYR B 118 -10.74 -22.79 14.56
C TYR B 118 -11.98 -23.14 13.75
N PRO B 119 -12.21 -24.42 13.44
CA PRO B 119 -13.31 -24.79 12.55
C PRO B 119 -14.68 -24.43 13.12
N GLU B 120 -14.81 -24.34 14.44
CA GLU B 120 -16.07 -23.98 15.07
C GLU B 120 -16.11 -22.52 15.49
N ALA B 121 -15.17 -21.70 14.99
CA ALA B 121 -15.22 -20.25 15.13
C ALA B 121 -15.72 -19.58 13.86
N TRP B 122 -16.53 -20.30 13.09
CA TRP B 122 -17.03 -19.80 11.82
C TRP B 122 -18.04 -18.67 12.03
N PHE B 123 -18.35 -17.99 10.93
CA PHE B 123 -19.34 -16.92 10.95
C PHE B 123 -20.03 -16.91 9.60
N SER B 124 -21.28 -16.42 9.58
CA SER B 124 -22.01 -16.24 8.34
C SER B 124 -21.88 -14.79 7.87
N LYS B 125 -22.61 -14.42 6.83
CA LYS B 125 -22.51 -13.06 6.29
C LYS B 125 -22.64 -12.03 7.42
N ASP B 126 -21.75 -11.04 7.42
CA ASP B 126 -21.73 -9.94 8.38
C ASP B 126 -21.65 -10.40 9.83
N PHE B 127 -21.13 -11.60 10.10
CA PHE B 127 -21.07 -12.12 11.47
C PHE B 127 -22.44 -12.26 12.11
N GLU B 128 -23.52 -12.33 11.33
CA GLU B 128 -24.85 -12.35 11.92
C GLU B 128 -25.08 -13.60 12.78
N GLN B 129 -24.50 -14.74 12.38
CA GLN B 129 -24.45 -15.93 13.21
C GLN B 129 -23.01 -16.44 13.25
N THR B 130 -22.62 -17.03 14.38
CA THR B 130 -21.25 -17.48 14.57
C THR B 130 -21.23 -18.78 15.37
N GLY B 131 -20.18 -19.56 15.15
CA GLY B 131 -20.01 -20.82 15.82
C GLY B 131 -19.66 -20.65 17.28
N PRO B 132 -19.72 -21.75 18.04
CA PRO B 132 -19.58 -21.66 19.50
C PRO B 132 -18.20 -21.23 19.97
N TYR B 133 -17.15 -21.40 19.15
CA TYR B 133 -15.81 -20.94 19.49
C TYR B 133 -15.49 -19.57 18.91
N PHE B 134 -16.47 -18.89 18.29
CA PHE B 134 -16.23 -17.57 17.74
C PHE B 134 -15.81 -16.60 18.83
N LYS B 135 -14.76 -15.81 18.56
CA LYS B 135 -14.27 -14.88 19.58
C LYS B 135 -14.00 -13.47 19.09
N ARG B 136 -13.49 -13.29 17.88
CA ARG B 136 -13.10 -11.96 17.45
C ARG B 136 -13.29 -11.83 15.95
N GLU B 137 -13.75 -10.65 15.52
CA GLU B 137 -13.83 -10.32 14.10
C GLU B 137 -12.46 -10.04 13.49
N VAL B 138 -11.53 -9.48 14.27
CA VAL B 138 -10.24 -9.04 13.76
C VAL B 138 -9.17 -10.00 14.28
N TYR B 139 -8.49 -10.67 13.37
CA TYR B 139 -7.49 -11.65 13.75
C TYR B 139 -6.14 -10.96 13.91
N HIS B 140 -5.33 -11.46 14.84
CA HIS B 140 -4.02 -10.91 15.18
C HIS B 140 -2.94 -11.91 14.76
N TYR B 141 -2.05 -11.49 13.86
CA TYR B 141 -0.91 -12.30 13.42
C TYR B 141 0.38 -11.62 13.79
N PRO B 142 1.02 -11.99 14.91
CA PRO B 142 2.26 -11.31 15.31
C PRO B 142 3.45 -11.64 14.44
N ASN B 143 3.42 -12.74 13.67
CA ASN B 143 4.46 -13.07 12.67
C ASN B 143 5.83 -13.26 13.32
N GLN B 144 5.86 -13.82 14.53
CA GLN B 144 7.13 -14.00 15.24
C GLN B 144 7.71 -15.39 14.94
N GLN B 145 8.14 -15.55 13.69
CA GLN B 145 8.54 -16.84 13.15
C GLN B 145 9.48 -16.62 11.97
N ARG B 146 10.13 -17.71 11.54
CA ARG B 146 11.02 -17.66 10.40
C ARG B 146 10.30 -17.20 9.14
N GLY B 147 11.03 -16.54 8.25
CA GLY B 147 10.47 -16.21 6.95
C GLY B 147 10.10 -17.47 6.20
N ALA B 148 9.02 -17.40 5.44
CA ALA B 148 8.49 -18.65 4.90
C ALA B 148 7.32 -18.36 3.99
N ILE B 149 6.97 -19.35 3.18
CA ILE B 149 5.74 -19.31 2.38
C ILE B 149 4.62 -19.84 3.26
N LEU B 150 3.71 -18.98 3.67
CA LEU B 150 2.44 -19.41 4.25
C LEU B 150 1.35 -19.33 3.17
N TRP B 151 0.14 -19.76 3.53
CA TRP B 151 -1.03 -19.45 2.70
C TRP B 151 -2.24 -19.45 3.61
N TYR B 152 -3.33 -18.88 3.11
CA TYR B 152 -4.54 -18.75 3.91
C TYR B 152 -5.71 -19.32 3.14
N HIS B 153 -6.66 -19.92 3.87
CA HIS B 153 -7.78 -20.58 3.21
C HIS B 153 -8.88 -20.78 4.23
N ASP B 154 -10.07 -21.12 3.73
CA ASP B 154 -11.18 -21.37 4.60
C ASP B 154 -10.98 -22.66 5.39
N HIS B 155 -11.61 -22.70 6.57
CA HIS B 155 -11.43 -23.82 7.49
C HIS B 155 -12.71 -24.15 8.25
N ALA B 156 -13.88 -23.80 7.72
CA ALA B 156 -15.11 -23.93 8.48
C ALA B 156 -15.54 -25.40 8.61
N MET B 157 -16.01 -25.75 9.80
CA MET B 157 -16.49 -27.08 10.17
C MET B 157 -17.38 -27.71 9.09
N ALA B 158 -16.96 -28.88 8.60
CA ALA B 158 -17.70 -29.74 7.69
C ALA B 158 -17.91 -29.13 6.32
N LEU B 159 -17.30 -27.97 6.05
CA LEU B 159 -17.47 -27.27 4.79
C LEU B 159 -16.14 -26.97 4.11
N THR B 160 -15.02 -27.40 4.69
CA THR B 160 -13.72 -26.95 4.22
C THR B 160 -13.48 -27.33 2.75
N ARG B 161 -13.77 -28.58 2.38
CA ARG B 161 -13.54 -29.00 0.99
C ARG B 161 -14.36 -28.17 0.00
N LEU B 162 -15.54 -27.70 0.40
CA LEU B 162 -16.37 -26.94 -0.53
C LEU B 162 -15.95 -25.49 -0.63
N ASN B 163 -15.66 -24.85 0.50
CA ASN B 163 -15.30 -23.43 0.48
C ASN B 163 -13.95 -23.22 -0.19
N VAL B 164 -13.00 -24.14 0.05
CA VAL B 164 -11.71 -24.06 -0.60
C VAL B 164 -11.87 -24.29 -2.09
N TYR B 165 -12.64 -25.31 -2.48
CA TYR B 165 -12.87 -25.58 -3.88
C TYR B 165 -13.57 -24.42 -4.57
N ALA B 166 -14.45 -23.72 -3.86
CA ALA B 166 -15.11 -22.55 -4.43
C ALA B 166 -14.12 -21.43 -4.77
N GLY B 167 -12.93 -21.43 -4.14
CA GLY B 167 -11.88 -20.48 -4.50
C GLY B 167 -11.24 -19.72 -3.34
N LEU B 168 -11.58 -20.07 -2.10
CA LEU B 168 -11.10 -19.34 -0.92
C LEU B 168 -9.71 -19.82 -0.52
N VAL B 169 -8.70 -19.38 -1.29
CA VAL B 169 -7.29 -19.71 -1.08
C VAL B 169 -6.45 -18.49 -1.47
N GLY B 170 -5.32 -18.31 -0.77
CA GLY B 170 -4.42 -17.22 -1.09
C GLY B 170 -3.06 -17.41 -0.46
N ALA B 171 -2.07 -16.67 -1.00
CA ALA B 171 -0.70 -16.77 -0.50
C ALA B 171 -0.41 -15.73 0.58
N TYR B 172 0.53 -16.10 1.48
CA TYR B 172 0.95 -15.23 2.57
C TYR B 172 2.44 -15.48 2.80
N ILE B 173 3.25 -14.46 2.53
CA ILE B 173 4.71 -14.59 2.53
C ILE B 173 5.26 -13.79 3.70
N ILE B 174 6.05 -14.44 4.56
CA ILE B 174 6.79 -13.76 5.62
C ILE B 174 8.21 -13.53 5.13
N HIS B 175 8.62 -12.27 5.07
CA HIS B 175 9.97 -11.87 4.67
C HIS B 175 10.80 -11.56 5.91
N ASP B 176 11.91 -12.26 6.05
CA ASP B 176 12.89 -11.97 7.08
C ASP B 176 14.00 -11.11 6.51
N PRO B 177 14.18 -9.87 6.98
CA PRO B 177 15.28 -9.04 6.43
C PRO B 177 16.64 -9.70 6.46
N LYS B 178 16.94 -10.49 7.49
CA LYS B 178 18.26 -11.10 7.65
C LYS B 178 18.59 -12.09 6.54
N GLU B 179 17.62 -12.50 5.72
CA GLU B 179 17.89 -13.42 4.63
C GLU B 179 18.31 -12.73 3.34
N LYS B 180 18.16 -11.41 3.26
CA LYS B 180 18.56 -10.71 2.04
C LYS B 180 20.03 -10.97 1.71
N ARG B 181 20.87 -11.09 2.73
CA ARG B 181 22.28 -11.36 2.53
C ARG B 181 22.54 -12.57 1.64
N LEU B 182 21.58 -13.48 1.52
CA LEU B 182 21.77 -14.65 0.67
C LEU B 182 21.68 -14.30 -0.81
N LYS B 183 21.11 -13.15 -1.15
CA LYS B 183 20.98 -12.69 -2.53
C LYS B 183 20.16 -13.65 -3.39
N LEU B 184 19.14 -14.29 -2.80
CA LEU B 184 18.27 -15.15 -3.59
C LEU B 184 17.51 -14.31 -4.62
N PRO B 185 17.07 -14.93 -5.72
CA PRO B 185 16.29 -14.17 -6.70
C PRO B 185 15.09 -13.54 -6.04
N SER B 186 14.84 -12.27 -6.33
CA SER B 186 13.83 -11.52 -5.60
C SER B 186 13.04 -10.64 -6.55
N ASP B 187 12.01 -10.01 -5.99
CA ASP B 187 11.15 -9.03 -6.66
C ASP B 187 10.49 -9.68 -7.87
N GLU B 188 10.68 -9.17 -9.09
CA GLU B 188 9.97 -9.73 -10.24
C GLU B 188 10.41 -11.16 -10.54
N TYR B 189 11.56 -11.59 -10.03
CA TYR B 189 12.05 -12.96 -10.22
C TYR B 189 11.71 -13.85 -9.02
N ASP B 190 10.71 -13.45 -8.23
CA ASP B 190 10.23 -14.20 -7.08
C ASP B 190 8.72 -14.32 -7.26
N VAL B 191 8.27 -15.50 -7.70
CA VAL B 191 6.90 -15.66 -8.20
C VAL B 191 6.19 -16.80 -7.48
N PRO B 192 5.01 -16.55 -6.90
CA PRO B 192 4.21 -17.64 -6.34
C PRO B 192 3.46 -18.43 -7.41
N LEU B 193 3.32 -19.73 -7.16
CA LEU B 193 2.57 -20.65 -8.02
C LEU B 193 1.61 -21.44 -7.13
N LEU B 194 0.37 -20.97 -7.02
CA LEU B 194 -0.69 -21.70 -6.34
C LEU B 194 -1.31 -22.67 -7.33
N ILE B 195 -1.18 -23.97 -7.07
CA ILE B 195 -1.67 -24.99 -7.97
C ILE B 195 -2.99 -25.52 -7.42
N THR B 196 -4.05 -25.43 -8.22
CA THR B 196 -5.35 -26.01 -7.88
C THR B 196 -5.86 -26.82 -9.06
N ASP B 197 -6.36 -28.02 -8.79
CA ASP B 197 -7.01 -28.78 -9.86
C ASP B 197 -8.51 -28.59 -9.74
N ARG B 198 -9.18 -28.54 -10.89
CA ARG B 198 -10.59 -28.20 -10.95
C ARG B 198 -11.22 -29.00 -12.09
N THR B 199 -12.53 -29.21 -11.97
CA THR B 199 -13.33 -29.72 -13.07
C THR B 199 -14.35 -28.64 -13.43
N ILE B 200 -14.38 -28.27 -14.71
CA ILE B 200 -15.19 -27.16 -15.19
C ILE B 200 -16.19 -27.66 -16.23
N ASN B 201 -17.46 -27.37 -16.02
CA ASN B 201 -18.49 -27.73 -16.98
C ASN B 201 -18.31 -26.93 -18.28
N GLU B 202 -18.88 -27.45 -19.36
CA GLU B 202 -18.75 -26.79 -20.67
C GLU B 202 -19.19 -25.34 -20.61
N ASP B 203 -20.20 -25.04 -19.80
CA ASP B 203 -20.67 -23.68 -19.59
C ASP B 203 -19.79 -22.88 -18.64
N GLY B 204 -18.65 -23.43 -18.20
CA GLY B 204 -17.73 -22.71 -17.33
C GLY B 204 -18.04 -22.72 -15.85
N SER B 205 -19.14 -23.33 -15.41
CA SER B 205 -19.37 -23.45 -13.98
C SER B 205 -18.46 -24.52 -13.40
N LEU B 206 -18.14 -24.38 -12.11
CA LEU B 206 -17.31 -25.39 -11.46
C LEU B 206 -18.12 -26.66 -11.26
N PHE B 207 -17.48 -27.81 -11.44
CA PHE B 207 -18.11 -29.08 -11.10
C PHE B 207 -17.44 -29.66 -9.86
N TYR B 208 -18.25 -29.95 -8.85
CA TYR B 208 -17.83 -30.73 -7.70
C TYR B 208 -18.82 -31.88 -7.52
N PRO B 209 -18.35 -33.13 -7.35
CA PRO B 209 -19.29 -34.27 -7.35
C PRO B 209 -20.29 -34.23 -6.21
N SER B 210 -21.52 -34.65 -6.51
CA SER B 210 -22.55 -34.77 -5.49
C SER B 210 -22.62 -36.16 -4.89
N ALA B 211 -21.82 -37.10 -5.39
CA ALA B 211 -21.88 -38.47 -4.92
C ALA B 211 -20.73 -39.24 -5.55
N PRO B 212 -20.33 -40.35 -4.94
CA PRO B 212 -19.38 -41.24 -5.61
C PRO B 212 -19.97 -41.85 -6.87
N GLU B 213 -19.09 -42.41 -7.69
CA GLU B 213 -19.50 -43.13 -8.90
C GLU B 213 -20.28 -44.40 -8.53
N ASN B 214 -21.25 -44.74 -9.38
CA ASN B 214 -22.01 -45.98 -9.24
C ASN B 214 -22.51 -46.20 -7.82
N PRO B 215 -23.17 -45.21 -7.21
CA PRO B 215 -23.51 -45.27 -5.79
C PRO B 215 -24.62 -46.27 -5.47
N SER B 216 -24.62 -46.73 -4.23
CA SER B 216 -25.75 -47.47 -3.71
C SER B 216 -27.01 -46.60 -3.76
N PRO B 217 -28.18 -47.16 -4.10
CA PRO B 217 -29.42 -46.36 -4.00
C PRO B 217 -29.69 -45.86 -2.61
N SER B 218 -29.05 -46.42 -1.59
CA SER B 218 -29.28 -46.01 -0.21
C SER B 218 -28.34 -44.91 0.26
N LEU B 219 -27.40 -44.50 -0.58
CA LEU B 219 -26.45 -43.46 -0.17
C LEU B 219 -27.17 -42.12 -0.04
N PRO B 220 -26.85 -41.32 0.98
CA PRO B 220 -27.31 -39.92 1.01
C PRO B 220 -26.98 -39.24 -0.30
N ASN B 221 -27.81 -38.27 -0.67
CA ASN B 221 -27.63 -37.48 -1.87
C ASN B 221 -27.98 -36.04 -1.51
N PRO B 222 -27.01 -35.11 -1.55
CA PRO B 222 -25.60 -35.31 -1.89
C PRO B 222 -24.86 -36.20 -0.91
N SER B 223 -23.76 -36.83 -1.35
CA SER B 223 -22.90 -37.57 -0.44
C SER B 223 -21.46 -37.06 -0.59
N ILE B 224 -20.80 -36.85 0.54
CA ILE B 224 -19.36 -36.64 0.53
C ILE B 224 -18.67 -37.76 -0.22
N VAL B 225 -17.56 -37.46 -0.89
CA VAL B 225 -16.72 -38.48 -1.50
C VAL B 225 -15.36 -38.46 -0.79
N PRO B 226 -14.62 -39.58 -0.79
CA PRO B 226 -13.34 -39.60 -0.05
C PRO B 226 -12.17 -38.97 -0.81
N ALA B 227 -12.37 -38.47 -2.02
CA ALA B 227 -11.26 -37.91 -2.80
C ALA B 227 -11.85 -37.15 -3.96
N PHE B 228 -11.26 -36.00 -4.27
CA PHE B 228 -11.62 -35.27 -5.47
C PHE B 228 -10.41 -35.12 -6.37
N CYS B 229 -10.54 -35.55 -7.62
CA CYS B 229 -9.46 -35.45 -8.61
C CYS B 229 -9.97 -34.63 -9.78
N GLY B 230 -9.45 -33.41 -9.94
CA GLY B 230 -9.93 -32.55 -11.00
C GLY B 230 -9.40 -32.97 -12.36
N GLU B 231 -10.12 -32.58 -13.41
CA GLU B 231 -9.69 -32.90 -14.76
C GLU B 231 -8.74 -31.87 -15.35
N THR B 232 -8.65 -30.68 -14.75
CA THR B 232 -7.87 -29.57 -15.26
C THR B 232 -6.96 -29.06 -14.15
N ILE B 233 -5.73 -28.66 -14.52
CA ILE B 233 -4.78 -28.11 -13.56
C ILE B 233 -4.68 -26.62 -13.82
N LEU B 234 -4.92 -25.83 -12.77
CA LEU B 234 -4.78 -24.38 -12.81
C LEU B 234 -3.59 -23.96 -11.97
N VAL B 235 -2.89 -22.92 -12.41
CA VAL B 235 -1.89 -22.24 -11.60
C VAL B 235 -2.29 -20.77 -11.53
N ASN B 236 -2.37 -20.25 -10.31
CA ASN B 236 -2.79 -18.87 -10.05
C ASN B 236 -4.11 -18.55 -10.76
N GLY B 237 -5.00 -19.54 -10.78
CA GLY B 237 -6.33 -19.33 -11.28
C GLY B 237 -6.49 -19.34 -12.78
N LYS B 238 -5.54 -19.93 -13.51
CA LYS B 238 -5.67 -20.07 -14.96
C LYS B 238 -5.36 -21.49 -15.37
N VAL B 239 -6.19 -22.04 -16.25
CA VAL B 239 -5.96 -23.38 -16.79
C VAL B 239 -4.65 -23.39 -17.56
N TRP B 240 -3.78 -24.37 -17.24
CA TRP B 240 -2.52 -24.67 -17.92
C TRP B 240 -1.89 -23.44 -18.57
N PRO B 241 -1.32 -22.54 -17.77
CA PRO B 241 -0.82 -21.27 -18.30
C PRO B 241 0.64 -21.34 -18.73
N TYR B 242 1.06 -20.29 -19.42
CA TYR B 242 2.45 -20.12 -19.79
C TYR B 242 3.03 -18.90 -19.07
N LEU B 243 4.30 -19.00 -18.71
CA LEU B 243 5.01 -17.90 -18.07
C LEU B 243 6.28 -17.62 -18.87
N GLU B 244 6.35 -16.43 -19.47
CA GLU B 244 7.56 -15.99 -20.17
C GLU B 244 8.63 -15.57 -19.16
N VAL B 245 9.81 -16.17 -19.24
CA VAL B 245 10.90 -15.89 -18.31
C VAL B 245 12.16 -15.50 -19.08
N GLU B 246 13.10 -14.93 -18.34
CA GLU B 246 14.41 -14.56 -18.84
C GLU B 246 15.41 -15.69 -18.59
N PRO B 247 16.53 -15.69 -19.32
CA PRO B 247 17.55 -16.75 -19.12
C PRO B 247 18.41 -16.50 -17.90
N ARG B 248 17.81 -16.72 -16.72
CA ARG B 248 18.44 -16.39 -15.45
C ARG B 248 17.72 -17.17 -14.34
N LYS B 249 18.15 -16.93 -13.10
CA LYS B 249 17.61 -17.65 -11.96
C LYS B 249 16.32 -16.99 -11.48
N TYR B 250 15.30 -17.81 -11.24
CA TYR B 250 14.03 -17.38 -10.65
C TYR B 250 13.77 -18.12 -9.35
N ARG B 251 13.01 -17.45 -8.47
CA ARG B 251 12.48 -18.06 -7.25
C ARG B 251 10.97 -18.27 -7.41
N PHE B 252 10.51 -19.48 -7.07
CA PHE B 252 9.10 -19.81 -7.14
C PHE B 252 8.62 -20.30 -5.78
N ARG B 253 7.48 -19.79 -5.33
CA ARG B 253 6.83 -20.24 -4.10
C ARG B 253 5.71 -21.20 -4.52
N VAL B 254 5.97 -22.50 -4.48
CA VAL B 254 5.03 -23.47 -5.01
C VAL B 254 4.11 -23.89 -3.87
N ILE B 255 2.81 -23.70 -4.05
CA ILE B 255 1.80 -24.02 -3.05
C ILE B 255 0.81 -24.99 -3.67
N ASN B 256 0.64 -26.14 -3.04
CA ASN B 256 -0.45 -27.04 -3.42
C ASN B 256 -1.69 -26.61 -2.65
N ALA B 257 -2.57 -25.86 -3.32
CA ALA B 257 -3.86 -25.46 -2.77
C ALA B 257 -5.00 -26.37 -3.24
N SER B 258 -4.69 -27.61 -3.63
CA SER B 258 -5.69 -28.55 -4.15
C SER B 258 -6.35 -29.33 -3.00
N ASN B 259 -7.57 -29.82 -3.28
CA ASN B 259 -8.37 -30.53 -2.29
C ASN B 259 -7.73 -31.85 -1.88
N THR B 260 -7.32 -32.66 -2.86
CA THR B 260 -6.81 -34.02 -2.66
C THR B 260 -5.50 -34.26 -3.38
N ARG B 261 -5.32 -33.68 -4.56
CA ARG B 261 -4.34 -34.13 -5.52
C ARG B 261 -2.91 -33.87 -5.03
N THR B 262 -2.07 -34.90 -5.11
CA THR B 262 -0.63 -34.73 -4.95
C THR B 262 -0.01 -34.59 -6.33
N TYR B 263 0.98 -33.73 -6.44
CA TYR B 263 1.73 -33.56 -7.68
C TYR B 263 3.12 -34.11 -7.50
N ASN B 264 3.68 -34.63 -8.58
CA ASN B 264 5.10 -35.00 -8.60
C ASN B 264 5.68 -34.30 -9.83
N LEU B 265 6.37 -33.19 -9.59
CA LEU B 265 6.73 -32.24 -10.62
C LEU B 265 8.13 -32.51 -11.18
N SER B 266 8.29 -32.21 -12.46
CA SER B 266 9.56 -32.31 -13.16
C SER B 266 9.59 -31.27 -14.27
N LEU B 267 10.75 -31.12 -14.89
CA LEU B 267 10.91 -30.28 -16.07
C LEU B 267 11.19 -31.19 -17.27
N ASP B 268 10.40 -31.04 -18.34
CA ASP B 268 10.50 -31.94 -19.48
C ASP B 268 11.72 -31.69 -20.36
N ASN B 269 12.52 -30.68 -20.02
CA ASN B 269 13.86 -30.54 -20.57
C ASN B 269 14.90 -31.26 -19.71
N GLY B 270 14.45 -31.96 -18.67
CA GLY B 270 15.36 -32.67 -17.79
C GLY B 270 16.12 -31.80 -16.82
N GLY B 271 15.85 -30.51 -16.77
CA GLY B 271 16.55 -29.64 -15.84
C GLY B 271 16.27 -30.00 -14.40
N ASP B 272 17.04 -29.39 -13.49
CA ASP B 272 16.90 -29.63 -12.07
C ASP B 272 16.25 -28.44 -11.36
N PHE B 273 15.55 -28.74 -10.26
CA PHE B 273 15.13 -27.75 -9.28
C PHE B 273 16.20 -27.64 -8.20
N ILE B 274 16.37 -26.44 -7.66
CA ILE B 274 17.14 -26.25 -6.44
C ILE B 274 16.13 -25.88 -5.36
N GLN B 275 15.83 -26.81 -4.45
CA GLN B 275 14.98 -26.47 -3.33
C GLN B 275 15.79 -25.67 -2.31
N ILE B 276 15.27 -24.50 -1.93
CA ILE B 276 15.88 -23.68 -0.90
C ILE B 276 15.05 -23.61 0.39
N GLY B 277 13.77 -23.98 0.35
CA GLY B 277 12.93 -23.87 1.53
C GLY B 277 11.78 -24.86 1.53
N SER B 278 11.22 -25.06 2.73
CA SER B 278 10.08 -25.94 2.93
C SER B 278 8.97 -25.17 3.66
N ASP B 279 7.89 -25.87 4.07
CA ASP B 279 6.78 -25.23 4.78
C ASP B 279 7.26 -24.16 5.75
N GLY B 280 8.21 -24.51 6.61
CA GLY B 280 8.59 -23.68 7.73
C GLY B 280 9.77 -22.75 7.49
N GLY B 281 10.28 -22.66 6.26
CA GLY B 281 11.33 -21.70 6.02
C GLY B 281 12.46 -22.30 5.20
N LEU B 282 13.62 -21.65 5.23
CA LEU B 282 14.76 -22.11 4.44
C LEU B 282 15.28 -23.45 4.93
N LEU B 283 15.59 -24.34 3.98
CA LEU B 283 16.34 -25.55 4.33
C LEU B 283 17.71 -25.17 4.89
N PRO B 284 18.33 -26.05 5.69
CA PRO B 284 19.71 -25.78 6.10
C PRO B 284 20.65 -25.73 4.90
N ARG B 285 20.53 -26.69 3.98
CA ARG B 285 21.28 -26.72 2.73
C ARG B 285 20.33 -26.87 1.56
N SER B 286 20.57 -26.11 0.49
CA SER B 286 19.81 -26.30 -0.73
C SER B 286 20.06 -27.70 -1.31
N VAL B 287 19.15 -28.13 -2.19
CA VAL B 287 19.13 -29.49 -2.72
C VAL B 287 18.71 -29.43 -4.18
N LYS B 288 19.53 -30.01 -5.05
CA LYS B 288 19.18 -30.13 -6.46
C LYS B 288 18.31 -31.36 -6.65
N LEU B 289 17.15 -31.18 -7.28
CA LEU B 289 16.16 -32.23 -7.41
C LEU B 289 15.73 -32.31 -8.87
N ASN B 290 15.61 -33.54 -9.37
CA ASN B 290 15.03 -33.73 -10.69
C ASN B 290 13.50 -33.80 -10.62
N SER B 291 12.95 -34.21 -9.48
CA SER B 291 11.52 -34.22 -9.27
C SER B 291 11.22 -34.04 -7.79
N PHE B 292 9.97 -33.76 -7.48
CA PHE B 292 9.60 -33.76 -6.06
C PHE B 292 8.10 -33.91 -5.91
N SER B 293 7.71 -34.56 -4.82
CA SER B 293 6.32 -34.78 -4.46
C SER B 293 5.79 -33.58 -3.68
N LEU B 294 4.58 -33.16 -4.02
CA LEU B 294 3.96 -32.00 -3.35
C LEU B 294 2.50 -32.34 -3.07
N ALA B 295 2.21 -32.68 -1.81
CA ALA B 295 0.86 -33.04 -1.40
C ALA B 295 0.08 -31.80 -0.97
N PRO B 296 -1.24 -31.94 -0.79
CA PRO B 296 -2.06 -30.78 -0.41
C PRO B 296 -1.51 -30.05 0.80
N ALA B 297 -1.44 -28.73 0.69
CA ALA B 297 -1.00 -27.76 1.70
C ALA B 297 0.53 -27.70 1.85
N GLU B 298 1.29 -28.59 1.21
CA GLU B 298 2.74 -28.50 1.25
C GLU B 298 3.21 -27.32 0.41
N ARG B 299 4.35 -26.74 0.81
CA ARG B 299 4.95 -25.64 0.06
C ARG B 299 6.40 -25.97 -0.24
N TYR B 300 6.83 -25.60 -1.45
CA TYR B 300 8.21 -25.75 -1.90
C TYR B 300 8.71 -24.40 -2.35
N ASP B 301 9.77 -23.91 -1.70
CA ASP B 301 10.47 -22.71 -2.13
C ASP B 301 11.64 -23.17 -3.00
N ILE B 302 11.63 -22.81 -4.28
CA ILE B 302 12.60 -23.34 -5.24
C ILE B 302 13.24 -22.20 -6.05
N ILE B 303 14.41 -22.52 -6.60
CA ILE B 303 15.01 -21.76 -7.69
C ILE B 303 15.01 -22.63 -8.93
N ILE B 304 14.62 -22.07 -10.06
CA ILE B 304 14.88 -22.69 -11.34
C ILE B 304 15.89 -21.80 -12.04
N ASP B 305 17.02 -22.39 -12.45
CA ASP B 305 18.06 -21.64 -13.16
C ASP B 305 17.85 -21.83 -14.66
N PHE B 306 17.35 -20.77 -15.31
CA PHE B 306 17.03 -20.83 -16.73
C PHE B 306 18.19 -20.41 -17.64
N THR B 307 19.36 -20.11 -17.08
CA THR B 307 20.46 -19.56 -17.88
C THR B 307 20.70 -20.41 -19.13
N ALA B 308 21.08 -21.67 -18.93
CA ALA B 308 21.40 -22.61 -20.00
C ALA B 308 20.19 -22.96 -20.90
N TYR B 309 19.02 -22.30 -20.83
CA TYR B 309 17.83 -22.73 -21.56
C TYR B 309 17.21 -21.60 -22.37
N GLU B 310 17.99 -20.60 -22.76
CA GLU B 310 17.46 -19.51 -23.57
C GLU B 310 16.78 -20.07 -24.81
N GLY B 311 15.58 -19.55 -25.11
CA GLY B 311 14.80 -19.99 -26.23
C GLY B 311 13.97 -21.23 -26.02
N GLU B 312 14.20 -21.99 -24.94
CA GLU B 312 13.48 -23.25 -24.75
C GLU B 312 12.05 -23.01 -24.30
N SER B 313 11.17 -23.94 -24.69
CA SER B 313 9.83 -24.08 -24.13
C SER B 313 9.83 -25.29 -23.21
N ILE B 314 9.60 -25.07 -21.92
CA ILE B 314 9.76 -26.09 -20.89
C ILE B 314 8.42 -26.31 -20.20
N ILE B 315 7.99 -27.56 -20.12
CA ILE B 315 6.74 -27.91 -19.44
C ILE B 315 7.08 -28.39 -18.03
N LEU B 316 6.42 -27.78 -17.04
CA LEU B 316 6.42 -28.25 -15.67
C LEU B 316 5.42 -29.41 -15.63
N ALA B 317 5.95 -30.63 -15.58
CA ALA B 317 5.14 -31.83 -15.76
C ALA B 317 4.81 -32.48 -14.41
N ASN B 318 3.80 -33.34 -14.46
CA ASN B 318 3.29 -34.06 -13.29
C ASN B 318 3.22 -35.55 -13.60
N SER B 319 3.79 -36.37 -12.72
CA SER B 319 3.75 -37.82 -12.88
C SER B 319 2.85 -38.51 -11.85
N ALA B 320 2.29 -37.78 -10.90
CA ALA B 320 1.50 -38.38 -9.83
C ALA B 320 0.08 -38.66 -10.30
N GLY B 321 -0.38 -39.89 -10.10
CA GLY B 321 -1.77 -40.21 -10.37
C GLY B 321 -2.71 -39.64 -9.31
N CYS B 322 -3.97 -39.48 -9.71
CA CYS B 322 -5.05 -39.08 -8.81
C CYS B 322 -6.26 -39.89 -9.25
N GLY B 323 -6.53 -40.99 -8.55
CA GLY B 323 -7.59 -41.87 -9.00
C GLY B 323 -7.30 -42.58 -10.31
N GLY B 324 -6.03 -42.68 -10.68
CA GLY B 324 -5.63 -43.27 -11.93
C GLY B 324 -4.37 -42.61 -12.44
N ASP B 325 -3.82 -43.17 -13.51
CA ASP B 325 -2.60 -42.63 -14.09
C ASP B 325 -2.84 -41.26 -14.69
N VAL B 326 -1.77 -40.46 -14.78
CA VAL B 326 -1.87 -39.14 -15.40
C VAL B 326 -2.20 -39.29 -16.87
N ASN B 327 -3.07 -38.44 -17.36
CA ASN B 327 -3.30 -38.32 -18.78
C ASN B 327 -2.20 -37.45 -19.39
N PRO B 328 -1.43 -37.96 -20.35
CA PRO B 328 -0.38 -37.12 -20.95
C PRO B 328 -0.91 -35.83 -21.55
N GLU B 329 -2.17 -35.80 -21.98
CA GLU B 329 -2.74 -34.63 -22.63
C GLU B 329 -3.37 -33.64 -21.66
N THR B 330 -3.67 -34.06 -20.42
CA THR B 330 -4.25 -33.14 -19.45
C THR B 330 -3.43 -33.07 -18.16
N ASP B 331 -3.81 -33.84 -17.14
CA ASP B 331 -3.24 -33.63 -15.82
C ASP B 331 -1.77 -34.04 -15.73
N ALA B 332 -1.15 -34.53 -16.81
CA ALA B 332 0.31 -34.66 -16.79
C ALA B 332 1.02 -33.29 -16.90
N ASN B 333 0.28 -32.21 -17.15
CA ASN B 333 0.84 -30.88 -17.36
C ASN B 333 0.43 -29.93 -16.24
N ILE B 334 1.38 -29.12 -15.76
CA ILE B 334 1.05 -28.05 -14.83
C ILE B 334 1.06 -26.73 -15.58
N MET B 335 2.22 -26.39 -16.15
CA MET B 335 2.39 -25.12 -16.84
C MET B 335 3.65 -25.19 -17.71
N GLN B 336 3.84 -24.15 -18.52
CA GLN B 336 4.93 -24.12 -19.48
C GLN B 336 5.74 -22.84 -19.29
N PHE B 337 7.05 -22.99 -19.18
CA PHE B 337 7.96 -21.84 -19.19
C PHE B 337 8.47 -21.59 -20.60
N ARG B 338 8.60 -20.31 -20.96
CA ARG B 338 9.15 -19.88 -22.25
C ARG B 338 10.35 -18.97 -21.99
N VAL B 339 11.56 -19.51 -22.13
CA VAL B 339 12.75 -18.70 -21.89
C VAL B 339 12.99 -17.78 -23.09
N THR B 340 12.02 -16.93 -23.39
CA THR B 340 12.09 -16.06 -24.56
C THR B 340 12.01 -14.57 -24.22
N LYS B 341 12.06 -14.22 -22.96
CA LYS B 341 12.09 -12.81 -22.55
C LYS B 341 13.53 -12.32 -22.52
N PRO B 342 13.84 -11.19 -23.13
CA PRO B 342 15.25 -10.72 -23.15
C PRO B 342 15.72 -10.36 -21.74
N LEU B 343 16.89 -10.86 -21.38
CA LEU B 343 17.44 -10.60 -20.07
C LEU B 343 17.59 -9.10 -19.84
N ALA B 344 16.68 -8.51 -19.07
CA ALA B 344 16.63 -7.07 -18.86
C ALA B 344 17.91 -6.56 -18.21
N GLN B 345 18.07 -6.81 -16.91
CA GLN B 345 19.29 -6.46 -16.21
C GLN B 345 20.22 -7.66 -16.26
N LYS B 346 21.31 -7.60 -15.51
CA LYS B 346 22.20 -8.75 -15.36
C LYS B 346 21.81 -9.54 -14.12
N ASP B 347 22.08 -10.85 -14.14
CA ASP B 347 21.65 -11.73 -13.06
C ASP B 347 22.62 -11.61 -11.90
N GLU B 348 22.22 -10.89 -10.86
CA GLU B 348 23.01 -10.72 -9.65
C GLU B 348 22.64 -11.68 -8.54
N SER B 349 21.54 -12.42 -8.67
CA SER B 349 21.11 -13.34 -7.63
C SER B 349 22.10 -14.49 -7.49
N ARG B 350 21.95 -15.27 -6.41
CA ARG B 350 22.83 -16.40 -6.16
C ARG B 350 22.01 -17.61 -5.73
N LYS B 351 22.65 -18.78 -5.75
CA LYS B 351 22.04 -20.03 -5.31
C LYS B 351 22.92 -20.67 -4.24
N PRO B 352 23.01 -20.07 -3.06
CA PRO B 352 23.91 -20.58 -2.01
C PRO B 352 23.67 -22.05 -1.70
N LYS B 353 24.74 -22.74 -1.32
CA LYS B 353 24.62 -24.12 -0.86
C LYS B 353 24.19 -24.16 0.60
N TYR B 354 24.96 -23.51 1.47
CA TYR B 354 24.59 -23.38 2.87
C TYR B 354 23.59 -22.24 3.02
N LEU B 355 22.45 -22.53 3.65
CA LEU B 355 21.35 -21.57 3.71
C LEU B 355 20.96 -21.17 5.12
N ALA B 356 21.02 -22.08 6.09
CA ALA B 356 20.54 -21.75 7.43
C ALA B 356 21.14 -22.72 8.44
N SER B 357 21.25 -22.26 9.67
CA SER B 357 21.82 -23.07 10.74
C SER B 357 20.73 -23.45 11.73
N TYR B 358 20.47 -24.77 11.86
CA TYR B 358 19.42 -25.28 12.72
C TYR B 358 19.97 -26.29 13.73
N PRO B 359 19.51 -26.25 14.99
CA PRO B 359 19.79 -27.32 15.95
C PRO B 359 19.34 -28.67 15.44
N GLN B 367 10.21 -34.42 26.11
CA GLN B 367 9.54 -34.53 27.40
C GLN B 367 8.40 -35.54 27.35
N ASN B 368 7.99 -35.88 26.13
CA ASN B 368 6.89 -36.81 25.94
C ASN B 368 7.12 -37.58 24.65
N ILE B 369 6.47 -38.74 24.59
CA ILE B 369 6.42 -39.57 23.40
C ILE B 369 4.94 -39.84 23.12
N ARG B 370 4.56 -39.77 21.85
CA ARG B 370 3.15 -39.95 21.49
C ARG B 370 3.04 -40.84 20.26
N THR B 371 2.17 -41.85 20.31
CA THR B 371 1.88 -42.69 19.16
C THR B 371 0.47 -42.42 18.66
N LEU B 372 0.36 -42.20 17.34
CA LEU B 372 -0.91 -41.89 16.69
C LEU B 372 -1.10 -42.82 15.51
N LYS B 373 -2.31 -43.33 15.36
CA LYS B 373 -2.63 -44.23 14.27
C LYS B 373 -3.63 -43.56 13.34
N LEU B 374 -3.39 -43.68 12.04
CA LEU B 374 -4.37 -43.31 11.03
C LEU B 374 -5.22 -44.55 10.76
N ALA B 375 -6.52 -44.35 10.53
CA ALA B 375 -7.39 -45.49 10.32
C ALA B 375 -8.57 -45.09 9.44
N GLY B 376 -9.13 -46.09 8.74
CA GLY B 376 -10.39 -45.90 8.04
C GLY B 376 -11.43 -46.88 8.56
N THR B 377 -12.63 -46.41 8.84
CA THR B 377 -13.76 -47.25 9.23
C THR B 377 -14.86 -47.07 8.17
N GLN B 378 -16.05 -47.58 8.45
CA GLN B 378 -17.18 -47.36 7.54
C GLN B 378 -18.39 -46.93 8.34
N ASP B 379 -19.26 -46.13 7.71
CA ASP B 379 -20.43 -45.63 8.39
C ASP B 379 -21.62 -46.50 8.01
N GLU B 380 -22.81 -46.09 8.47
CA GLU B 380 -23.99 -46.94 8.28
C GLU B 380 -24.36 -47.09 6.83
N TYR B 381 -23.90 -46.20 5.96
CA TYR B 381 -24.16 -46.32 4.52
C TYR B 381 -23.06 -47.07 3.80
N GLY B 382 -22.08 -47.61 4.51
CA GLY B 382 -20.96 -48.26 3.87
C GLY B 382 -19.90 -47.32 3.32
N ARG B 383 -20.01 -46.01 3.58
CA ARG B 383 -19.00 -45.05 3.13
C ARG B 383 -17.77 -45.10 4.03
N PRO B 384 -16.59 -44.81 3.46
CA PRO B 384 -15.40 -44.69 4.30
C PRO B 384 -15.48 -43.47 5.20
N VAL B 385 -14.98 -43.62 6.43
CA VAL B 385 -14.79 -42.54 7.37
C VAL B 385 -13.32 -42.58 7.78
N LEU B 386 -12.60 -41.47 7.58
CA LEU B 386 -11.18 -41.41 7.86
C LEU B 386 -10.95 -40.80 9.24
N LEU B 387 -10.17 -41.48 10.07
CA LEU B 387 -10.10 -41.13 11.49
C LEU B 387 -8.64 -41.04 11.96
N LEU B 388 -8.43 -40.15 12.92
CA LEU B 388 -7.19 -40.05 13.68
C LEU B 388 -7.36 -40.79 15.00
N ASN B 389 -6.54 -41.81 15.22
CA ASN B 389 -6.57 -42.53 16.49
C ASN B 389 -7.91 -43.16 16.78
N ASN B 390 -8.72 -43.45 15.77
CA ASN B 390 -10.03 -44.05 15.99
C ASN B 390 -10.93 -43.17 16.85
N LYS B 391 -10.76 -41.85 16.75
CA LYS B 391 -11.59 -40.89 17.46
C LYS B 391 -12.33 -40.00 16.47
N ARG B 392 -13.48 -39.51 16.89
CA ARG B 392 -14.24 -38.55 16.11
C ARG B 392 -13.84 -37.13 16.52
N TRP B 393 -14.10 -36.18 15.62
CA TRP B 393 -13.80 -34.78 15.93
C TRP B 393 -14.39 -34.40 17.28
N HIS B 394 -15.64 -34.83 17.54
CA HIS B 394 -16.41 -34.43 18.72
C HIS B 394 -15.96 -35.13 20.00
N ASP B 395 -15.23 -36.24 19.90
CA ASP B 395 -14.79 -36.94 21.11
C ASP B 395 -13.95 -36.03 22.00
N PRO B 396 -13.93 -36.26 23.31
CA PRO B 396 -13.07 -35.46 24.20
C PRO B 396 -11.63 -35.39 23.72
N VAL B 397 -10.98 -34.26 23.97
CA VAL B 397 -9.64 -34.04 23.43
C VAL B 397 -8.66 -35.02 24.09
N THR B 398 -7.74 -35.57 23.30
CA THR B 398 -6.71 -36.47 23.83
C THR B 398 -5.29 -35.98 23.58
N GLU B 399 -5.07 -35.15 22.58
CA GLU B 399 -3.73 -34.61 22.29
C GLU B 399 -3.57 -33.33 23.09
N THR B 400 -2.96 -33.44 24.27
CA THR B 400 -2.88 -32.34 25.23
C THR B 400 -1.45 -32.08 25.67
N PRO B 401 -0.56 -31.74 24.74
CA PRO B 401 0.82 -31.46 25.12
C PRO B 401 0.89 -30.24 26.02
N LYS B 402 1.91 -30.19 26.87
CA LYS B 402 2.13 -29.07 27.77
C LYS B 402 2.90 -27.97 27.06
N VAL B 403 2.53 -26.72 27.30
CA VAL B 403 3.15 -25.62 26.56
C VAL B 403 4.66 -25.62 26.83
N GLY B 404 5.44 -25.42 25.76
CA GLY B 404 6.88 -25.37 25.86
C GLY B 404 7.59 -26.70 25.83
N THR B 405 6.86 -27.81 25.91
CA THR B 405 7.51 -29.11 25.86
C THR B 405 7.65 -29.61 24.43
N THR B 406 8.64 -30.47 24.22
CA THR B 406 8.88 -31.10 22.93
C THR B 406 8.49 -32.58 23.01
N GLU B 407 7.80 -33.07 21.97
CA GLU B 407 7.43 -34.47 21.89
C GLU B 407 7.90 -35.05 20.57
N ILE B 408 8.06 -36.36 20.56
CA ILE B 408 8.18 -37.10 19.32
C ILE B 408 6.83 -37.75 19.04
N TRP B 409 6.23 -37.42 17.89
CA TRP B 409 5.01 -38.06 17.45
C TRP B 409 5.37 -39.19 16.49
N SER B 410 4.97 -40.42 16.82
CA SER B 410 5.05 -41.55 15.90
C SER B 410 3.69 -41.73 15.24
N ILE B 411 3.61 -41.44 13.95
CA ILE B 411 2.39 -41.54 13.16
C ILE B 411 2.43 -42.85 12.39
N ILE B 412 1.57 -43.80 12.77
CA ILE B 412 1.47 -45.10 12.11
C ILE B 412 0.37 -45.03 11.06
N ASN B 413 0.73 -45.20 9.78
CA ASN B 413 -0.24 -45.22 8.69
C ASN B 413 -0.43 -46.61 8.12
N PRO B 414 -1.40 -47.39 8.59
CA PRO B 414 -1.72 -48.68 7.97
C PRO B 414 -2.81 -48.62 6.90
N THR B 415 -3.21 -47.43 6.47
CA THR B 415 -4.25 -47.31 5.46
C THR B 415 -3.63 -47.37 4.07
N ARG B 416 -4.50 -47.25 3.06
CA ARG B 416 -4.13 -47.51 1.66
C ARG B 416 -3.29 -46.41 1.02
N GLY B 417 -3.35 -45.16 1.52
CA GLY B 417 -2.69 -44.06 0.85
C GLY B 417 -1.97 -43.13 1.81
N THR B 418 -1.26 -42.18 1.21
CA THR B 418 -0.56 -41.13 1.95
C THR B 418 -1.55 -40.11 2.49
N HIS B 419 -1.32 -39.68 3.74
CA HIS B 419 -2.10 -38.59 4.32
C HIS B 419 -1.16 -37.42 4.60
N PRO B 420 -1.44 -36.24 4.10
CA PRO B 420 -0.61 -35.08 4.44
C PRO B 420 -1.06 -34.52 5.77
N ILE B 421 -0.32 -34.81 6.85
CA ILE B 421 -0.73 -34.48 8.21
C ILE B 421 -0.25 -33.07 8.54
N HIS B 422 -1.17 -32.25 9.06
CA HIS B 422 -0.89 -30.86 9.39
C HIS B 422 -1.15 -30.64 10.87
N LEU B 423 -0.19 -30.04 11.56
CA LEU B 423 -0.38 -29.56 12.93
C LEU B 423 -0.46 -28.04 12.92
N HIS B 424 -1.46 -27.48 13.61
CA HIS B 424 -1.53 -26.03 13.70
C HIS B 424 -0.49 -25.49 14.70
N LEU B 425 -0.20 -24.19 14.60
CA LEU B 425 0.70 -23.46 15.49
C LEU B 425 2.19 -23.77 15.27
N VAL B 426 2.57 -25.07 15.32
CA VAL B 426 3.97 -25.46 15.34
C VAL B 426 4.48 -25.77 13.94
N SER B 427 5.77 -25.57 13.75
CA SER B 427 6.54 -26.31 12.75
C SER B 427 7.37 -27.37 13.48
N PHE B 428 7.65 -28.48 12.79
CA PHE B 428 8.33 -29.60 13.42
C PHE B 428 9.49 -30.05 12.52
N ARG B 429 10.32 -30.94 13.08
CA ARG B 429 11.38 -31.63 12.35
C ARG B 429 10.98 -33.08 12.10
N VAL B 430 11.40 -33.61 10.96
CA VAL B 430 11.21 -35.01 10.64
C VAL B 430 12.39 -35.79 11.23
N LEU B 431 12.09 -36.82 12.01
CA LEU B 431 13.12 -37.72 12.53
C LEU B 431 13.46 -38.85 11.54
N ASP B 432 12.46 -39.67 11.21
CA ASP B 432 12.66 -40.74 10.24
C ASP B 432 11.31 -41.36 9.86
N ARG B 433 11.35 -42.23 8.87
CA ARG B 433 10.24 -43.09 8.48
C ARG B 433 10.72 -44.53 8.43
N ARG B 434 9.88 -45.45 8.88
CA ARG B 434 10.25 -46.86 8.91
C ARG B 434 9.14 -47.73 8.34
N PRO B 435 9.40 -48.49 7.27
CA PRO B 435 8.37 -49.35 6.67
C PRO B 435 8.00 -50.52 7.56
N PHE B 436 6.70 -50.80 7.65
CA PHE B 436 6.17 -51.96 8.36
C PHE B 436 5.22 -52.73 7.45
N ASP B 437 4.72 -53.86 7.96
CA ASP B 437 3.96 -54.86 7.21
C ASP B 437 2.48 -54.65 7.47
N ILE B 438 1.79 -54.02 6.50
CA ILE B 438 0.38 -53.69 6.68
C ILE B 438 -0.44 -54.95 6.89
N ALA B 439 -0.23 -55.97 6.06
CA ALA B 439 -0.93 -57.23 6.20
C ALA B 439 -0.84 -57.74 7.64
N ARG B 440 0.39 -57.79 8.17
CA ARG B 440 0.59 -58.22 9.56
C ARG B 440 -0.19 -57.32 10.52
N TYR B 441 -0.04 -56.01 10.35
CA TYR B 441 -0.72 -55.08 11.26
C TYR B 441 -2.23 -55.24 11.16
N GLN B 442 -2.76 -55.44 9.95
CA GLN B 442 -4.21 -55.49 9.76
C GLN B 442 -4.83 -56.73 10.39
N GLU B 443 -4.06 -57.77 10.66
CA GLU B 443 -4.59 -58.96 11.33
C GLU B 443 -4.40 -58.91 12.85
N SER B 444 -3.15 -58.73 13.30
CA SER B 444 -2.80 -58.85 14.70
C SER B 444 -2.90 -57.55 15.48
N GLY B 445 -2.88 -56.40 14.79
CA GLY B 445 -2.66 -55.12 15.45
C GLY B 445 -1.22 -54.88 15.86
N GLU B 446 -0.35 -55.86 15.67
CA GLU B 446 1.05 -55.75 16.05
C GLU B 446 1.84 -55.08 14.93
N LEU B 447 2.79 -54.26 15.32
CA LEU B 447 3.70 -53.60 14.38
C LEU B 447 4.90 -54.50 14.13
N SER B 448 5.27 -54.65 12.87
CA SER B 448 6.41 -55.50 12.52
C SER B 448 7.11 -54.89 11.33
N TYR B 449 8.33 -54.37 11.53
CA TYR B 449 9.01 -53.62 10.48
C TYR B 449 9.61 -54.55 9.44
N THR B 450 9.91 -53.97 8.27
CA THR B 450 10.44 -54.68 7.12
C THR B 450 11.70 -54.01 6.59
N GLY B 451 12.21 -53.03 7.31
CA GLY B 451 13.36 -52.29 6.87
C GLY B 451 13.82 -51.36 7.97
N PRO B 452 14.99 -50.78 7.79
CA PRO B 452 15.53 -49.86 8.79
C PRO B 452 14.84 -48.51 8.74
N ALA B 453 14.90 -47.80 9.86
CA ALA B 453 14.53 -46.40 9.89
C ALA B 453 15.35 -45.62 8.87
N VAL B 454 14.68 -44.77 8.11
CA VAL B 454 15.30 -43.96 7.06
C VAL B 454 15.24 -42.51 7.50
N PRO B 455 16.36 -41.78 7.53
CA PRO B 455 16.30 -40.37 7.89
C PRO B 455 15.69 -39.55 6.77
N PRO B 456 15.22 -38.34 7.06
CA PRO B 456 14.57 -37.52 6.03
C PRO B 456 15.55 -37.14 4.93
N PRO B 457 15.10 -37.17 3.69
CA PRO B 457 15.90 -36.60 2.62
C PRO B 457 16.18 -35.14 2.90
N PRO B 458 17.12 -34.53 2.16
CA PRO B 458 17.48 -33.13 2.43
C PRO B 458 16.31 -32.18 2.33
N SER B 459 15.31 -32.52 1.51
CA SER B 459 14.11 -31.71 1.36
C SER B 459 13.41 -31.52 2.70
N GLU B 460 13.53 -32.50 3.58
CA GLU B 460 12.84 -32.47 4.86
C GLU B 460 13.80 -32.39 6.04
N LYS B 461 15.02 -31.87 5.81
CA LYS B 461 15.97 -31.66 6.89
C LYS B 461 15.73 -30.35 7.63
N GLY B 462 14.83 -29.50 7.12
CA GLY B 462 14.48 -28.27 7.80
C GLY B 462 13.23 -28.37 8.64
N TRP B 463 12.28 -27.46 8.41
CA TRP B 463 11.07 -27.33 9.21
C TRP B 463 9.85 -27.55 8.32
N LYS B 464 8.91 -28.36 8.80
CA LYS B 464 7.68 -28.69 8.09
C LYS B 464 6.48 -28.40 8.99
N ASP B 465 5.32 -28.17 8.38
CA ASP B 465 4.06 -28.18 9.15
C ASP B 465 2.98 -29.04 8.52
N THR B 466 3.19 -29.55 7.32
CA THR B 466 2.30 -30.47 6.64
C THR B 466 3.19 -31.56 6.07
N ILE B 467 3.04 -32.79 6.55
CA ILE B 467 4.01 -33.84 6.26
C ILE B 467 3.31 -35.07 5.72
N GLN B 468 3.85 -35.64 4.63
CA GLN B 468 3.28 -36.85 4.04
C GLN B 468 3.58 -38.07 4.91
N ALA B 469 2.53 -38.68 5.46
CA ALA B 469 2.64 -39.95 6.16
C ALA B 469 2.26 -41.02 5.13
N HIS B 470 3.28 -41.72 4.61
CA HIS B 470 3.07 -42.70 3.55
C HIS B 470 2.44 -43.98 4.11
N ALA B 471 1.73 -44.68 3.24
CA ALA B 471 1.08 -45.91 3.66
C ALA B 471 2.14 -46.97 3.96
N GLY B 472 1.90 -47.78 4.99
CA GLY B 472 2.84 -48.81 5.37
C GLY B 472 4.10 -48.31 6.04
N GLU B 473 4.06 -47.09 6.59
CA GLU B 473 5.22 -46.52 7.27
C GLU B 473 4.82 -45.95 8.62
N VAL B 474 5.79 -45.93 9.54
CA VAL B 474 5.73 -45.13 10.76
C VAL B 474 6.55 -43.87 10.51
N LEU B 475 5.91 -42.71 10.64
CA LEU B 475 6.59 -41.43 10.49
C LEU B 475 6.79 -40.85 11.89
N ARG B 476 8.02 -40.39 12.16
CA ARG B 476 8.34 -39.78 13.45
C ARG B 476 8.76 -38.33 13.24
N ILE B 477 8.09 -37.41 13.96
CA ILE B 477 8.35 -35.98 13.88
C ILE B 477 8.56 -35.47 15.30
N ALA B 478 9.33 -34.38 15.44
CA ALA B 478 9.61 -33.78 16.72
C ALA B 478 9.10 -32.33 16.71
N ALA B 479 8.26 -32.00 17.69
CA ALA B 479 7.61 -30.71 17.74
C ALA B 479 7.70 -30.15 19.15
N THR B 480 8.01 -28.85 19.24
CA THR B 480 7.89 -28.08 20.46
C THR B 480 6.56 -27.31 20.45
N PHE B 481 5.74 -27.52 21.47
CA PHE B 481 4.39 -26.97 21.48
C PHE B 481 4.37 -25.60 22.18
N GLY B 482 4.56 -24.56 21.39
CA GLY B 482 4.54 -23.20 21.85
C GLY B 482 4.65 -22.28 20.65
N PRO B 483 4.85 -20.97 20.87
CA PRO B 483 5.01 -20.33 22.17
C PRO B 483 3.66 -20.14 22.86
N TYR B 484 2.55 -20.25 22.14
CA TYR B 484 1.26 -19.98 22.77
C TYR B 484 0.62 -21.26 23.28
N SER B 485 -0.24 -21.10 24.28
CA SER B 485 -1.08 -22.16 24.80
C SER B 485 -2.50 -21.95 24.29
N GLY B 486 -3.30 -23.01 24.35
CA GLY B 486 -4.68 -22.87 23.96
C GLY B 486 -5.13 -24.01 23.09
N ARG B 487 -6.25 -23.78 22.41
CA ARG B 487 -6.98 -24.82 21.70
C ARG B 487 -6.73 -24.70 20.20
N TYR B 488 -6.12 -25.74 19.63
CA TYR B 488 -5.75 -25.78 18.22
C TYR B 488 -6.32 -27.06 17.63
N VAL B 489 -5.86 -27.46 16.44
CA VAL B 489 -6.27 -28.72 15.84
C VAL B 489 -5.07 -29.34 15.12
N TRP B 490 -5.19 -30.64 14.82
CA TRP B 490 -4.32 -31.30 13.86
C TRP B 490 -5.19 -32.19 12.98
N HIS B 491 -4.76 -32.42 11.74
CA HIS B 491 -5.63 -33.10 10.80
C HIS B 491 -4.90 -33.46 9.51
N CYS B 492 -5.53 -34.35 8.76
CA CYS B 492 -5.13 -34.58 7.37
C CYS B 492 -5.56 -33.40 6.52
N HIS B 493 -4.74 -33.02 5.53
CA HIS B 493 -5.10 -31.90 4.67
C HIS B 493 -5.64 -32.32 3.30
N ILE B 494 -5.98 -33.59 3.11
CA ILE B 494 -6.91 -33.98 2.05
C ILE B 494 -8.28 -33.55 2.56
N LEU B 495 -8.86 -32.52 1.94
CA LEU B 495 -10.03 -31.86 2.54
C LEU B 495 -11.20 -32.82 2.64
N GLU B 496 -11.30 -33.75 1.69
CA GLU B 496 -12.38 -34.72 1.74
C GLU B 496 -12.22 -35.66 2.94
N HIS B 497 -10.99 -35.91 3.40
CA HIS B 497 -10.75 -36.66 4.64
C HIS B 497 -11.01 -35.79 5.86
N GLU B 498 -10.49 -34.56 5.82
CA GLU B 498 -10.61 -33.68 6.98
C GLU B 498 -12.06 -33.46 7.38
N ASP B 499 -12.96 -33.34 6.41
CA ASP B 499 -14.35 -33.08 6.71
C ASP B 499 -15.10 -34.32 7.19
N TYR B 500 -14.54 -35.53 7.01
CA TYR B 500 -15.20 -36.76 7.41
C TYR B 500 -14.21 -37.90 7.61
N ASP B 501 -13.51 -37.93 8.74
CA ASP B 501 -13.65 -37.01 9.85
C ASP B 501 -12.28 -36.92 10.49
N MET B 502 -11.28 -36.66 9.65
CA MET B 502 -9.88 -36.86 10.00
C MET B 502 -9.29 -35.57 10.57
N MET B 503 -9.89 -35.10 11.65
CA MET B 503 -9.48 -33.89 12.33
C MET B 503 -9.75 -34.05 13.82
N ARG B 504 -8.82 -33.60 14.63
CA ARG B 504 -8.98 -33.69 16.07
C ARG B 504 -8.52 -32.40 16.74
N PRO B 505 -9.12 -32.03 17.85
CA PRO B 505 -8.61 -30.91 18.64
C PRO B 505 -7.28 -31.26 19.28
N MET B 506 -6.52 -30.19 19.57
CA MET B 506 -5.20 -30.28 20.15
C MET B 506 -5.12 -29.17 21.20
N ASP B 507 -5.03 -29.53 22.48
CA ASP B 507 -4.91 -28.57 23.58
C ASP B 507 -3.44 -28.46 23.97
N ILE B 508 -2.85 -27.29 23.77
CA ILE B 508 -1.55 -27.01 24.35
C ILE B 508 -1.83 -26.37 25.71
N THR B 509 -1.54 -27.12 26.77
CA THR B 509 -2.05 -26.76 28.09
C THR B 509 -1.04 -25.92 28.85
N ASP B 510 -1.55 -25.08 29.74
CA ASP B 510 -0.69 -24.21 30.56
C ASP B 510 -0.99 -24.45 32.03
N PRO B 511 -0.05 -25.04 32.81
CA PRO B 511 -0.20 -25.31 34.25
C PRO B 511 -0.66 -24.10 35.05
#